data_6GHD
#
_entry.id   6GHD
#
_cell.length_a   57.770
_cell.length_b   62.750
_cell.length_c   64.340
_cell.angle_alpha   66.440
_cell.angle_beta   66.550
_cell.angle_gamma   88.050
#
_symmetry.space_group_name_H-M   'P 1'
#
loop_
_entity.id
_entity.type
_entity.pdbx_description
1 polymer Emerin
2 polymer 'Barrier-to-autointegration factor'
3 polymer Prelamin-A/C
4 non-polymer 'SULFATE ION'
5 non-polymer 1,2-ETHANEDIOL
6 water water
#
loop_
_entity_poly.entity_id
_entity_poly.type
_entity_poly.pdbx_seq_one_letter_code
_entity_poly.pdbx_strand_id
1 'polypeptide(L)' GDNYADLSDTELTTLLRRYNIPHGPVVGSTRRLYEKKIFEYETQR G,H
2 'polypeptide(L)'
;TTSQKHRDFVAEPMGEKPVGSLAGIGEVLGKKLEERGFDKAYVVLGQFLVLKKDEDLFREWLKDTAGANAKQSRDAFGAL
REWADAFL
;
D,E,A,C
3 'polypeptide(L)'
;SSFSQHARTSGRVAVEEVDEEGKFVRLRNKSNEDQSMGNWQIKRQNGDDPLLTYRFPPKFTLKAGQVVTIWAAGAGATHS
PPTDLVWKAQNTWGCGNSLRTALINSTGEEVAMRKLVRS
;
B,F
#
loop_
_chem_comp.id
_chem_comp.type
_chem_comp.name
_chem_comp.formula
EDO non-polymer 1,2-ETHANEDIOL 'C2 H6 O2'
SO4 non-polymer 'SULFATE ION' 'O4 S -2'
#
# COMPACT_ATOMS: atom_id res chain seq x y z
N GLY A 1 -26.84 16.03 -45.59
CA GLY A 1 -26.33 14.72 -45.99
C GLY A 1 -27.08 13.55 -45.40
N ASP A 2 -26.84 13.29 -44.11
CA ASP A 2 -27.41 12.14 -43.41
C ASP A 2 -28.42 12.63 -42.38
N ASN A 3 -29.66 12.16 -42.49
CA ASN A 3 -30.73 12.58 -41.59
C ASN A 3 -30.52 12.12 -40.15
N TYR A 4 -29.56 11.23 -39.90
CA TYR A 4 -29.31 10.69 -38.58
C TYR A 4 -28.21 11.42 -37.82
N ALA A 5 -27.13 11.81 -38.51
CA ALA A 5 -26.11 12.63 -37.87
C ALA A 5 -26.59 14.05 -37.58
N ASP A 6 -27.60 14.55 -38.29
CA ASP A 6 -28.09 15.91 -38.13
C ASP A 6 -29.12 16.08 -37.01
N LEU A 7 -29.56 15.00 -36.38
CA LEU A 7 -30.50 15.14 -35.28
C LEU A 7 -29.78 15.66 -34.05
N SER A 8 -30.43 16.57 -33.32
CA SER A 8 -29.90 16.97 -32.02
C SER A 8 -30.08 15.82 -31.02
N ASP A 9 -29.28 15.88 -29.95
CA ASP A 9 -29.36 14.85 -28.91
C ASP A 9 -30.78 14.72 -28.36
N THR A 10 -31.50 15.83 -28.27
CA THR A 10 -32.88 15.79 -27.81
C THR A 10 -33.78 15.08 -28.82
N GLU A 11 -33.64 15.41 -30.11
CA GLU A 11 -34.45 14.76 -31.14
C GLU A 11 -34.16 13.27 -31.23
N LEU A 12 -32.90 12.90 -31.07
CA LEU A 12 -32.54 11.49 -30.99
C LEU A 12 -33.28 10.80 -29.84
N THR A 13 -33.27 11.42 -28.66
CA THR A 13 -33.95 10.84 -27.50
C THR A 13 -35.45 10.73 -27.76
N THR A 14 -36.05 11.76 -28.36
CA THR A 14 -37.47 11.68 -28.71
C THR A 14 -37.76 10.49 -29.63
N LEU A 15 -36.88 10.21 -30.58
CA LEU A 15 -37.09 9.09 -31.49
C LEU A 15 -36.89 7.74 -30.80
N LEU A 16 -35.88 7.62 -29.95
CA LEU A 16 -35.72 6.42 -29.13
C LEU A 16 -36.97 6.16 -28.29
N ARG A 17 -37.57 7.21 -27.74
CA ARG A 17 -38.76 6.99 -26.93
C ARG A 17 -39.98 6.70 -27.79
N ARG A 18 -40.09 7.38 -28.93
CA ARG A 18 -41.24 7.18 -29.79
C ARG A 18 -41.30 5.75 -30.32
N TYR A 19 -40.14 5.17 -30.62
CA TYR A 19 -40.04 3.81 -31.16
C TYR A 19 -39.86 2.73 -30.08
N ASN A 20 -39.88 3.11 -28.81
CA ASN A 20 -39.73 2.17 -27.68
C ASN A 20 -38.44 1.37 -27.78
N ILE A 21 -37.37 2.03 -28.20
CA ILE A 21 -36.05 1.41 -28.29
C ILE A 21 -35.37 1.58 -26.93
N PRO A 22 -35.01 0.49 -26.26
CA PRO A 22 -34.34 0.61 -24.96
C PRO A 22 -33.02 1.36 -25.09
N HIS A 23 -32.77 2.23 -24.11
CA HIS A 23 -31.67 3.17 -24.23
C HIS A 23 -31.34 3.75 -22.87
N GLY A 24 -30.10 4.21 -22.74
CA GLY A 24 -29.72 5.13 -21.70
C GLY A 24 -29.60 6.51 -22.32
N PRO A 25 -29.00 7.45 -21.62
CA PRO A 25 -28.90 8.81 -22.15
C PRO A 25 -28.02 8.94 -23.37
N VAL A 26 -28.36 9.95 -24.18
CA VAL A 26 -27.59 10.30 -25.36
C VAL A 26 -26.45 11.22 -24.91
N VAL A 27 -25.23 10.73 -25.04
CA VAL A 27 -24.01 11.48 -24.76
C VAL A 27 -23.08 11.22 -25.95
N GLY A 28 -22.00 12.01 -26.02
CA GLY A 28 -21.03 11.91 -27.10
C GLY A 28 -20.67 10.49 -27.50
N SER A 29 -20.38 9.65 -26.51
CA SER A 29 -19.89 8.29 -26.74
C SER A 29 -20.99 7.28 -27.03
N THR A 30 -22.26 7.68 -26.97
CA THR A 30 -23.39 6.84 -27.30
C THR A 30 -24.16 7.34 -28.52
N ARG A 31 -23.80 8.52 -29.02
CA ARG A 31 -24.52 9.14 -30.12
C ARG A 31 -24.55 8.24 -31.35
N ARG A 32 -23.39 7.75 -31.78
CA ARG A 32 -23.26 6.91 -32.97
C ARG A 32 -24.03 5.60 -32.81
N LEU A 33 -23.99 5.01 -31.61
CA LEU A 33 -24.70 3.76 -31.37
C LEU A 33 -26.21 3.93 -31.51
N TYR A 34 -26.78 5.01 -30.97
CA TYR A 34 -28.23 5.22 -31.04
C TYR A 34 -28.68 5.66 -32.42
N GLU A 35 -27.84 6.42 -33.15
CA GLU A 35 -28.17 6.72 -34.53
C GLU A 35 -28.37 5.44 -35.33
N LYS A 36 -27.56 4.43 -35.05
CA LYS A 36 -27.64 3.17 -35.77
C LYS A 36 -28.91 2.42 -35.37
N LYS A 37 -29.26 2.44 -34.09
CA LYS A 37 -30.49 1.80 -33.64
C LYS A 37 -31.71 2.37 -34.33
N ILE A 38 -31.79 3.71 -34.39
CA ILE A 38 -32.91 4.35 -35.07
C ILE A 38 -32.91 4.01 -36.56
N PHE A 39 -31.72 4.00 -37.17
CA PHE A 39 -31.62 3.63 -38.58
C PHE A 39 -32.11 2.22 -38.82
N GLU A 40 -31.69 1.28 -37.97
CA GLU A 40 -32.12 -0.11 -38.12
C GLU A 40 -33.61 -0.24 -37.86
N TYR A 41 -34.12 0.44 -36.82
CA TYR A 41 -35.56 0.43 -36.56
C TYR A 41 -36.33 0.95 -37.78
N GLU A 42 -35.91 2.10 -38.31
CA GLU A 42 -36.66 2.64 -39.44
C GLU A 42 -36.52 1.80 -40.69
N THR A 43 -35.47 0.97 -40.78
CA THR A 43 -35.33 0.07 -41.92
C THR A 43 -36.26 -1.12 -41.82
N GLN A 44 -36.50 -1.62 -40.61
CA GLN A 44 -37.48 -2.68 -40.38
C GLN A 44 -38.90 -2.13 -40.27
N ARG A 45 -39.11 -0.86 -40.61
CA ARG A 45 -40.43 -0.23 -40.66
C ARG A 45 -41.17 -0.35 -39.33
N THR B 2 -14.68 -20.02 -15.33
CA THR B 2 -14.29 -18.62 -15.44
C THR B 2 -12.76 -18.49 -15.54
N SER B 3 -12.30 -17.49 -16.29
CA SER B 3 -10.87 -17.37 -16.60
C SER B 3 -10.11 -16.66 -15.48
N GLN B 4 -8.78 -16.79 -15.52
CA GLN B 4 -7.93 -16.14 -14.54
C GLN B 4 -8.00 -14.63 -14.67
N LYS B 5 -7.98 -14.14 -15.91
CA LYS B 5 -8.09 -12.71 -16.17
C LYS B 5 -9.38 -12.14 -15.59
N HIS B 6 -10.50 -12.84 -15.80
CA HIS B 6 -11.76 -12.44 -15.19
C HIS B 6 -11.61 -12.37 -13.68
N ARG B 7 -11.14 -13.45 -13.05
CA ARG B 7 -11.04 -13.48 -11.60
C ARG B 7 -10.10 -12.41 -11.04
N ASP B 8 -9.00 -12.10 -11.74
CA ASP B 8 -8.09 -11.09 -11.21
C ASP B 8 -8.69 -9.70 -11.34
N PHE B 9 -9.48 -9.47 -12.38
CA PHE B 9 -10.09 -8.17 -12.57
C PHE B 9 -11.21 -7.91 -11.57
N VAL B 10 -12.08 -8.89 -11.36
CA VAL B 10 -13.25 -8.63 -10.52
C VAL B 10 -12.93 -8.75 -9.04
N ALA B 11 -11.74 -9.22 -8.69
CA ALA B 11 -11.41 -9.49 -7.29
C ALA B 11 -11.07 -8.24 -6.48
N GLU B 12 -10.77 -7.11 -7.13
CA GLU B 12 -10.23 -5.95 -6.47
C GLU B 12 -10.61 -4.71 -7.28
N PRO B 13 -10.55 -3.52 -6.69
CA PRO B 13 -10.83 -2.30 -7.48
C PRO B 13 -9.86 -2.16 -8.65
N MET B 14 -10.34 -1.54 -9.72
CA MET B 14 -9.55 -1.48 -10.96
C MET B 14 -8.65 -0.25 -11.04
N GLY B 15 -8.97 0.82 -10.32
CA GLY B 15 -8.16 2.04 -10.36
C GLY B 15 -7.83 2.47 -11.77
N GLU B 16 -6.53 2.60 -12.09
CA GLU B 16 -6.09 3.02 -13.40
C GLU B 16 -5.44 1.88 -14.20
N LYS B 17 -5.88 0.64 -13.96
CA LYS B 17 -5.40 -0.49 -14.76
C LYS B 17 -5.64 -0.22 -16.25
N PRO B 18 -4.73 -0.63 -17.12
CA PRO B 18 -4.95 -0.46 -18.57
C PRO B 18 -6.12 -1.28 -19.06
N VAL B 19 -6.66 -0.86 -20.21
CA VAL B 19 -7.87 -1.48 -20.75
C VAL B 19 -7.68 -2.97 -21.01
N GLY B 20 -6.45 -3.39 -21.34
CA GLY B 20 -6.15 -4.80 -21.57
C GLY B 20 -6.28 -5.70 -20.34
N SER B 21 -6.39 -5.12 -19.14
CA SER B 21 -6.58 -5.87 -17.91
C SER B 21 -7.99 -6.42 -17.81
N LEU B 22 -8.92 -5.88 -18.58
CA LEU B 22 -10.29 -6.33 -18.56
C LEU B 22 -10.42 -7.66 -19.30
N ALA B 23 -11.12 -8.62 -18.70
CA ALA B 23 -11.32 -9.90 -19.37
C ALA B 23 -12.01 -9.66 -20.71
N GLY B 24 -11.60 -10.43 -21.71
CA GLY B 24 -12.09 -10.28 -23.07
C GLY B 24 -11.29 -9.33 -23.94
N ILE B 25 -10.48 -8.44 -23.36
CA ILE B 25 -9.74 -7.43 -24.12
C ILE B 25 -8.42 -8.05 -24.55
N GLY B 26 -8.39 -8.60 -25.75
CA GLY B 26 -7.15 -9.08 -26.35
C GLY B 26 -6.29 -7.94 -26.91
N GLU B 27 -5.17 -8.32 -27.51
CA GLU B 27 -4.17 -7.33 -27.94
C GLU B 27 -4.73 -6.35 -28.99
N VAL B 28 -5.28 -6.86 -30.10
CA VAL B 28 -5.81 -5.94 -31.10
C VAL B 28 -7.01 -5.16 -30.56
N LEU B 29 -7.94 -5.85 -29.89
CA LEU B 29 -9.08 -5.17 -29.31
C LEU B 29 -8.64 -4.05 -28.37
N GLY B 30 -7.61 -4.30 -27.56
CA GLY B 30 -7.15 -3.31 -26.62
C GLY B 30 -6.48 -2.13 -27.31
N LYS B 31 -5.75 -2.40 -28.39
CA LYS B 31 -5.16 -1.33 -29.17
C LYS B 31 -6.24 -0.47 -29.81
N LYS B 32 -7.30 -1.10 -30.33
CA LYS B 32 -8.34 -0.32 -30.97
C LYS B 32 -9.09 0.53 -29.96
N LEU B 33 -9.27 0.01 -28.76
CA LEU B 33 -9.94 0.78 -27.73
C LEU B 33 -9.10 1.97 -27.30
N GLU B 34 -7.78 1.79 -27.23
CA GLU B 34 -6.91 2.90 -26.83
C GLU B 34 -6.90 4.02 -27.87
N GLU B 35 -6.85 3.65 -29.15
CA GLU B 35 -6.90 4.66 -30.20
C GLU B 35 -8.19 5.47 -30.16
N ARG B 36 -9.30 4.85 -29.77
CA ARG B 36 -10.58 5.52 -29.70
C ARG B 36 -10.79 6.23 -28.37
N GLY B 37 -9.76 6.27 -27.51
CA GLY B 37 -9.78 7.00 -26.26
C GLY B 37 -10.15 6.19 -25.04
N PHE B 38 -10.40 4.90 -25.19
CA PHE B 38 -10.70 4.01 -24.06
C PHE B 38 -9.46 3.24 -23.62
N ASP B 39 -8.48 4.00 -23.16
CA ASP B 39 -7.15 3.46 -22.80
C ASP B 39 -7.12 2.76 -21.44
N LYS B 40 -8.01 3.14 -20.51
CA LYS B 40 -8.05 2.56 -19.18
C LYS B 40 -9.32 1.74 -18.97
N ALA B 41 -9.25 0.72 -18.12
CA ALA B 41 -10.44 -0.07 -17.83
C ALA B 41 -11.58 0.81 -17.32
N TYR B 42 -11.28 1.84 -16.51
CA TYR B 42 -12.35 2.64 -15.92
C TYR B 42 -13.11 3.42 -16.98
N VAL B 43 -12.47 3.74 -18.11
CA VAL B 43 -13.19 4.43 -19.17
C VAL B 43 -14.20 3.51 -19.83
N VAL B 44 -13.88 2.22 -19.91
CA VAL B 44 -14.82 1.24 -20.45
C VAL B 44 -15.95 0.99 -19.45
N LEU B 45 -15.61 0.96 -18.14
CA LEU B 45 -16.64 0.93 -17.10
C LEU B 45 -17.63 2.06 -17.29
N GLY B 46 -17.11 3.28 -17.48
CA GLY B 46 -17.96 4.42 -17.68
C GLY B 46 -18.96 4.23 -18.80
N GLN B 47 -18.49 3.67 -19.93
CA GLN B 47 -19.39 3.43 -21.05
C GLN B 47 -20.45 2.39 -20.67
N PHE B 48 -20.02 1.33 -20.02
CA PHE B 48 -20.95 0.35 -19.48
C PHE B 48 -21.98 1.01 -18.58
N LEU B 49 -21.57 1.99 -17.76
CA LEU B 49 -22.52 2.65 -16.85
C LEU B 49 -23.47 3.60 -17.57
N VAL B 50 -23.00 4.37 -18.57
CA VAL B 50 -23.94 5.26 -19.24
C VAL B 50 -24.90 4.51 -20.15
N LEU B 51 -24.55 3.28 -20.57
CA LEU B 51 -25.49 2.39 -21.24
C LEU B 51 -26.40 1.66 -20.23
N LYS B 52 -26.35 2.08 -18.97
CA LYS B 52 -27.20 1.56 -17.91
C LYS B 52 -27.02 0.05 -17.74
N LYS B 53 -25.76 -0.41 -17.88
CA LYS B 53 -25.38 -1.79 -17.62
C LYS B 53 -26.10 -2.77 -18.54
N ASP B 54 -26.67 -2.28 -19.65
CA ASP B 54 -27.43 -3.14 -20.54
C ASP B 54 -26.48 -3.97 -21.41
N GLU B 55 -26.70 -5.30 -21.41
CA GLU B 55 -25.80 -6.21 -22.12
C GLU B 55 -25.81 -5.97 -23.63
N ASP B 56 -27.00 -5.98 -24.23
CA ASP B 56 -27.06 -5.86 -25.69
C ASP B 56 -26.48 -4.53 -26.18
N LEU B 57 -26.80 -3.42 -25.51
CA LEU B 57 -26.23 -2.13 -25.94
C LEU B 57 -24.72 -2.12 -25.77
N PHE B 58 -24.21 -2.67 -24.66
CA PHE B 58 -22.78 -2.64 -24.44
C PHE B 58 -22.03 -3.51 -25.43
N ARG B 59 -22.52 -4.72 -25.66
CA ARG B 59 -21.80 -5.63 -26.56
C ARG B 59 -21.86 -5.11 -28.00
N GLU B 60 -22.99 -4.52 -28.39
CA GLU B 60 -23.07 -3.94 -29.73
C GLU B 60 -22.13 -2.74 -29.86
N TRP B 61 -21.98 -1.94 -28.80
CA TRP B 61 -21.04 -0.83 -28.84
C TRP B 61 -19.59 -1.32 -28.94
N LEU B 62 -19.24 -2.33 -28.14
CA LEU B 62 -17.88 -2.86 -28.16
C LEU B 62 -17.55 -3.47 -29.53
N LYS B 63 -18.51 -4.14 -30.16
CA LYS B 63 -18.25 -4.72 -31.46
C LYS B 63 -18.08 -3.63 -32.52
N ASP B 64 -18.93 -2.61 -32.48
CA ASP B 64 -18.86 -1.61 -33.53
C ASP B 64 -17.71 -0.63 -33.33
N THR B 65 -17.25 -0.44 -32.10
CA THR B 65 -16.21 0.55 -31.86
C THR B 65 -14.81 -0.02 -32.04
N ALA B 66 -14.60 -1.28 -31.67
CA ALA B 66 -13.25 -1.82 -31.64
C ALA B 66 -13.17 -3.24 -32.19
N GLY B 67 -14.23 -3.73 -32.82
CA GLY B 67 -14.16 -5.01 -33.50
C GLY B 67 -14.18 -6.23 -32.61
N ALA B 68 -14.72 -6.13 -31.39
CA ALA B 68 -14.78 -7.30 -30.53
C ALA B 68 -15.63 -8.39 -31.16
N ASN B 69 -15.18 -9.64 -31.04
CA ASN B 69 -16.03 -10.77 -31.39
C ASN B 69 -16.92 -11.14 -30.18
N ALA B 70 -17.78 -12.15 -30.39
CA ALA B 70 -18.84 -12.46 -29.42
C ALA B 70 -18.27 -12.88 -28.07
N LYS B 71 -17.28 -13.77 -28.07
CA LYS B 71 -16.67 -14.21 -26.82
C LYS B 71 -15.99 -13.05 -26.09
N GLN B 72 -15.33 -12.17 -26.84
CA GLN B 72 -14.67 -11.04 -26.18
C GLN B 72 -15.70 -10.12 -25.55
N SER B 73 -16.78 -9.81 -26.28
CA SER B 73 -17.77 -8.87 -25.74
C SER B 73 -18.56 -9.48 -24.58
N ARG B 74 -18.84 -10.80 -24.67
CA ARG B 74 -19.45 -11.52 -23.55
C ARG B 74 -18.57 -11.49 -22.28
N ASP B 75 -17.26 -11.73 -22.43
CA ASP B 75 -16.41 -11.77 -21.24
C ASP B 75 -16.13 -10.39 -20.67
N ALA B 76 -16.03 -9.36 -21.53
CA ALA B 76 -15.85 -8.01 -21.01
C ALA B 76 -17.10 -7.55 -20.28
N PHE B 77 -18.26 -7.80 -20.89
CA PHE B 77 -19.50 -7.41 -20.23
C PHE B 77 -19.63 -8.12 -18.89
N GLY B 78 -19.43 -9.44 -18.89
CA GLY B 78 -19.56 -10.23 -17.67
C GLY B 78 -18.61 -9.75 -16.59
N ALA B 79 -17.39 -9.38 -16.96
CA ALA B 79 -16.39 -8.92 -15.99
C ALA B 79 -16.77 -7.57 -15.41
N LEU B 80 -17.24 -6.65 -16.25
CA LEU B 80 -17.69 -5.35 -15.76
C LEU B 80 -18.94 -5.49 -14.87
N ARG B 81 -19.91 -6.32 -15.27
CA ARG B 81 -21.11 -6.45 -14.45
C ARG B 81 -20.76 -7.03 -13.08
N GLU B 82 -19.87 -8.01 -13.04
CA GLU B 82 -19.53 -8.60 -11.76
C GLU B 82 -18.76 -7.61 -10.91
N TRP B 83 -17.86 -6.85 -11.54
CA TRP B 83 -17.10 -5.84 -10.83
C TRP B 83 -18.01 -4.78 -10.24
N ALA B 84 -18.93 -4.25 -11.07
CA ALA B 84 -19.84 -3.21 -10.61
C ALA B 84 -20.74 -3.71 -9.48
N ASP B 85 -21.22 -4.95 -9.56
CA ASP B 85 -22.04 -5.52 -8.49
C ASP B 85 -21.28 -5.60 -7.17
N ALA B 86 -19.96 -5.76 -7.22
CA ALA B 86 -19.18 -5.84 -5.99
C ALA B 86 -18.72 -4.47 -5.49
N PHE B 87 -18.40 -3.53 -6.38
CA PHE B 87 -17.64 -2.36 -5.98
C PHE B 87 -18.39 -1.04 -6.10
N LEU B 88 -19.46 -0.97 -6.88
CA LEU B 88 -20.24 0.24 -7.05
C LEU B 88 -21.22 0.42 -5.88
N SER C 1 -14.85 -22.78 -4.45
CA SER C 1 -15.59 -23.07 -3.23
C SER C 1 -16.98 -22.44 -3.30
N SER C 2 -17.55 -22.43 -4.51
CA SER C 2 -18.87 -21.88 -4.83
C SER C 2 -18.97 -20.37 -4.61
N PHE C 3 -18.25 -19.83 -3.62
CA PHE C 3 -18.20 -18.39 -3.37
C PHE C 3 -17.00 -17.77 -4.08
N SER C 4 -17.26 -16.74 -4.88
CA SER C 4 -16.19 -15.90 -5.34
C SER C 4 -16.03 -14.74 -4.36
N GLN C 5 -14.80 -14.22 -4.27
CA GLN C 5 -14.49 -13.16 -3.32
C GLN C 5 -14.11 -11.90 -4.06
N HIS C 6 -14.50 -10.76 -3.47
CA HIS C 6 -14.17 -9.43 -3.97
C HIS C 6 -13.83 -8.59 -2.74
N ALA C 7 -12.71 -7.88 -2.81
CA ALA C 7 -12.23 -7.13 -1.65
C ALA C 7 -11.70 -5.77 -2.06
N ARG C 8 -11.96 -4.78 -1.21
CA ARG C 8 -11.36 -3.46 -1.33
C ARG C 8 -10.84 -3.07 0.04
N THR C 9 -9.58 -2.63 0.09
CA THR C 9 -8.94 -2.15 1.31
C THR C 9 -8.36 -0.77 1.01
N SER C 10 -8.89 0.27 1.65
CA SER C 10 -8.40 1.59 1.32
C SER C 10 -7.45 2.18 2.38
N GLY C 11 -7.36 1.58 3.57
CA GLY C 11 -6.40 2.01 4.58
C GLY C 11 -5.53 0.85 5.07
N ARG C 12 -5.18 0.89 6.36
CA ARG C 12 -4.24 -0.10 6.88
C ARG C 12 -4.87 -1.45 7.18
N VAL C 13 -6.18 -1.54 7.43
CA VAL C 13 -6.82 -2.77 7.86
C VAL C 13 -7.69 -3.35 6.74
N ALA C 14 -7.51 -4.62 6.46
CA ALA C 14 -8.32 -5.33 5.49
C ALA C 14 -9.30 -6.27 6.18
N VAL C 15 -10.42 -6.53 5.51
CA VAL C 15 -11.31 -7.65 5.86
C VAL C 15 -10.68 -8.88 5.20
N GLU C 16 -9.98 -9.68 6.01
CA GLU C 16 -9.11 -10.72 5.49
C GLU C 16 -9.86 -12.02 5.21
N GLU C 17 -10.71 -12.45 6.13
CA GLU C 17 -11.44 -13.68 5.91
C GLU C 17 -12.85 -13.56 6.48
N VAL C 18 -13.81 -14.05 5.70
CA VAL C 18 -15.21 -14.13 6.12
C VAL C 18 -15.61 -15.58 6.03
N ASP C 19 -16.05 -16.15 7.16
CA ASP C 19 -16.49 -17.53 7.17
C ASP C 19 -17.83 -17.66 6.44
N GLU C 20 -17.89 -18.61 5.51
CA GLU C 20 -19.10 -18.76 4.68
C GLU C 20 -20.29 -19.20 5.51
N GLU C 21 -20.05 -19.94 6.58
CA GLU C 21 -21.10 -20.44 7.44
C GLU C 21 -21.39 -19.52 8.63
N GLY C 22 -20.89 -18.28 8.60
CA GLY C 22 -21.30 -17.26 9.54
C GLY C 22 -20.70 -17.30 10.93
N LYS C 23 -19.59 -18.00 11.13
CA LYS C 23 -19.03 -18.12 12.46
C LYS C 23 -18.13 -16.96 12.87
N PHE C 24 -17.43 -16.34 11.92
CA PHE C 24 -16.48 -15.31 12.30
C PHE C 24 -16.25 -14.36 11.13
N VAL C 25 -15.72 -13.19 11.47
CA VAL C 25 -15.11 -12.24 10.54
C VAL C 25 -13.71 -11.95 11.04
N ARG C 26 -12.73 -11.92 10.14
N ARG C 26 -12.74 -12.02 10.14
CA ARG C 26 -11.33 -11.78 10.53
CA ARG C 26 -11.35 -11.75 10.43
C ARG C 26 -10.71 -10.57 9.83
C ARG C 26 -10.95 -10.40 9.85
N LEU C 27 -10.19 -9.64 10.63
CA LEU C 27 -9.52 -8.43 10.14
C LEU C 27 -8.01 -8.58 10.32
N ARG C 28 -7.24 -8.04 9.37
CA ARG C 28 -5.78 -8.04 9.45
C ARG C 28 -5.26 -6.64 9.22
N ASN C 29 -4.41 -6.17 10.11
CA ASN C 29 -3.67 -4.94 9.86
C ASN C 29 -2.55 -5.33 8.91
N LYS C 30 -2.74 -5.02 7.64
CA LYS C 30 -1.81 -5.47 6.62
C LYS C 30 -0.61 -4.54 6.48
N SER C 31 -0.48 -3.53 7.35
CA SER C 31 0.57 -2.53 7.26
C SER C 31 1.60 -2.74 8.37
N ASN C 32 2.60 -1.88 8.36
CA ASN C 32 3.68 -1.87 9.34
C ASN C 32 3.46 -0.84 10.44
N GLU C 33 2.25 -0.30 10.57
CA GLU C 33 1.93 0.68 11.61
C GLU C 33 0.67 0.26 12.34
N ASP C 34 0.61 0.52 13.65
CA ASP C 34 -0.60 0.23 14.41
C ASP C 34 -1.78 1.08 13.94
N GLN C 35 -2.98 0.55 14.15
CA GLN C 35 -4.21 1.22 13.73
C GLN C 35 -5.15 1.36 14.92
N SER C 36 -5.45 2.61 15.28
CA SER C 36 -6.54 2.88 16.21
C SER C 36 -7.86 2.55 15.54
N MET C 37 -8.69 1.77 16.24
CA MET C 37 -9.99 1.37 15.71
C MET C 37 -11.13 1.65 16.68
N GLY C 38 -10.89 2.45 17.72
CA GLY C 38 -11.94 2.85 18.64
C GLY C 38 -13.20 3.32 17.96
N ASN C 39 -14.33 2.71 18.32
CA ASN C 39 -15.66 2.99 17.79
C ASN C 39 -15.81 2.67 16.30
N TRP C 40 -14.89 1.90 15.70
CA TRP C 40 -15.12 1.43 14.34
C TRP C 40 -16.27 0.43 14.35
N GLN C 41 -16.83 0.17 13.17
CA GLN C 41 -17.96 -0.73 13.06
C GLN C 41 -17.75 -1.70 11.90
N ILE C 42 -18.15 -2.95 12.11
CA ILE C 42 -18.31 -3.91 11.03
C ILE C 42 -19.79 -3.99 10.68
N LYS C 43 -20.11 -3.86 9.39
CA LYS C 43 -21.48 -3.85 8.89
C LYS C 43 -21.64 -5.01 7.92
N ARG C 44 -22.57 -5.90 8.21
CA ARG C 44 -22.72 -7.13 7.45
C ARG C 44 -24.10 -7.15 6.80
N GLN C 45 -24.10 -7.16 5.46
CA GLN C 45 -25.33 -7.19 4.67
C GLN C 45 -25.42 -8.54 3.96
N ASN C 46 -26.40 -9.35 4.38
CA ASN C 46 -26.65 -10.69 3.82
C ASN C 46 -27.92 -10.64 3.00
N GLY C 47 -27.77 -10.72 1.68
CA GLY C 47 -28.94 -10.70 0.81
C GLY C 47 -29.80 -9.49 1.12
N ASP C 48 -31.09 -9.74 1.33
CA ASP C 48 -32.05 -8.70 1.66
C ASP C 48 -32.38 -8.64 3.17
N ASP C 49 -31.56 -9.26 4.01
CA ASP C 49 -31.84 -9.29 5.44
C ASP C 49 -31.59 -7.92 6.07
N PRO C 50 -32.13 -7.68 7.26
CA PRO C 50 -31.73 -6.50 8.03
C PRO C 50 -30.23 -6.47 8.21
N LEU C 51 -29.69 -5.25 8.21
CA LEU C 51 -28.26 -5.03 8.39
C LEU C 51 -27.83 -5.38 9.81
N LEU C 52 -26.67 -6.02 9.91
CA LEU C 52 -26.02 -6.37 11.17
C LEU C 52 -24.85 -5.44 11.44
N THR C 53 -24.77 -4.91 12.65
CA THR C 53 -23.75 -3.92 13.00
C THR C 53 -23.07 -4.33 14.29
N TYR C 54 -21.75 -4.49 14.23
CA TYR C 54 -20.93 -4.74 15.40
C TYR C 54 -20.06 -3.51 15.64
N ARG C 55 -20.03 -3.02 16.87
CA ARG C 55 -19.25 -1.85 17.25
C ARG C 55 -18.05 -2.28 18.06
N PHE C 56 -16.86 -1.79 17.66
CA PHE C 56 -15.65 -1.99 18.44
C PHE C 56 -15.70 -1.14 19.71
N PRO C 57 -14.92 -1.50 20.72
CA PRO C 57 -14.88 -0.69 21.94
C PRO C 57 -14.38 0.72 21.67
N PRO C 58 -14.72 1.67 22.54
CA PRO C 58 -14.30 3.06 22.31
C PRO C 58 -12.79 3.24 22.21
N LYS C 59 -12.00 2.33 22.78
CA LYS C 59 -10.57 2.28 22.55
C LYS C 59 -10.18 0.87 22.14
N PHE C 60 -9.50 0.78 21.00
CA PHE C 60 -9.05 -0.50 20.46
C PHE C 60 -7.95 -0.23 19.44
N THR C 61 -6.87 -0.99 19.53
CA THR C 61 -5.71 -0.87 18.64
C THR C 61 -5.43 -2.22 18.00
N LEU C 62 -5.37 -2.25 16.67
CA LEU C 62 -4.92 -3.43 15.94
C LEU C 62 -3.46 -3.19 15.56
N LYS C 63 -2.55 -3.90 16.22
CA LYS C 63 -1.14 -3.62 16.05
C LYS C 63 -0.66 -4.09 14.68
N ALA C 64 0.48 -3.52 14.26
CA ALA C 64 1.05 -3.77 12.93
C ALA C 64 1.11 -5.26 12.61
N GLY C 65 0.54 -5.64 11.47
CA GLY C 65 0.62 -7.01 11.00
C GLY C 65 -0.27 -8.00 11.74
N GLN C 66 -1.00 -7.57 12.76
CA GLN C 66 -1.76 -8.48 13.62
C GLN C 66 -3.19 -8.66 13.13
N VAL C 67 -3.87 -9.62 13.74
CA VAL C 67 -5.18 -10.06 13.33
C VAL C 67 -6.12 -9.95 14.52
N VAL C 68 -7.37 -9.56 14.26
CA VAL C 68 -8.47 -9.69 15.21
C VAL C 68 -9.58 -10.50 14.55
N THR C 69 -10.16 -11.43 15.29
CA THR C 69 -11.26 -12.27 14.84
C THR C 69 -12.50 -11.97 15.69
N ILE C 70 -13.59 -11.62 15.04
CA ILE C 70 -14.85 -11.35 15.71
C ILE C 70 -15.74 -12.57 15.51
N TRP C 71 -16.03 -13.26 16.60
CA TRP C 71 -16.79 -14.50 16.58
C TRP C 71 -18.26 -14.26 16.89
N ALA C 72 -19.13 -14.81 16.06
CA ALA C 72 -20.52 -14.94 16.44
C ALA C 72 -20.65 -15.78 17.72
N ALA C 73 -21.71 -15.49 18.49
CA ALA C 73 -21.89 -16.16 19.78
C ALA C 73 -22.00 -17.68 19.64
N GLY C 74 -22.49 -18.16 18.50
CA GLY C 74 -22.70 -19.58 18.32
C GLY C 74 -21.51 -20.39 17.87
N ALA C 75 -20.36 -19.73 17.63
CA ALA C 75 -19.17 -20.46 17.22
C ALA C 75 -18.51 -21.22 18.37
N GLY C 76 -18.77 -20.84 19.62
CA GLY C 76 -18.14 -21.50 20.75
C GLY C 76 -16.72 -21.07 21.02
N ALA C 77 -16.29 -19.91 20.53
CA ALA C 77 -14.93 -19.46 20.71
C ALA C 77 -14.69 -18.93 22.13
N THR C 78 -13.43 -18.69 22.45
CA THR C 78 -13.03 -18.13 23.74
C THR C 78 -12.79 -16.64 23.57
N HIS C 79 -13.49 -15.82 24.36
CA HIS C 79 -13.27 -14.38 24.36
C HIS C 79 -11.90 -14.07 24.92
N SER C 80 -11.07 -13.37 24.15
CA SER C 80 -9.72 -13.09 24.58
C SER C 80 -9.17 -11.87 23.86
N PRO C 81 -9.53 -10.65 24.30
CA PRO C 81 -9.03 -9.47 23.60
C PRO C 81 -7.52 -9.39 23.70
N PRO C 82 -6.85 -8.84 22.67
CA PRO C 82 -7.41 -8.20 21.48
C PRO C 82 -7.47 -9.07 20.22
N THR C 83 -7.08 -10.34 20.29
CA THR C 83 -7.06 -11.18 19.10
C THR C 83 -8.40 -11.85 18.81
N ASP C 84 -9.19 -12.17 19.84
CA ASP C 84 -10.44 -12.90 19.67
C ASP C 84 -11.53 -12.24 20.50
N LEU C 85 -12.47 -11.59 19.81
CA LEU C 85 -13.63 -10.98 20.41
C LEU C 85 -14.86 -11.82 20.09
N VAL C 86 -15.73 -12.01 21.09
CA VAL C 86 -16.98 -12.74 20.92
C VAL C 86 -18.12 -11.74 20.90
N TRP C 87 -19.02 -11.87 19.92
CA TRP C 87 -20.21 -11.04 19.80
C TRP C 87 -21.35 -11.76 20.51
N LYS C 88 -21.44 -11.56 21.83
CA LYS C 88 -22.26 -12.44 22.67
C LYS C 88 -23.76 -12.31 22.41
N ALA C 89 -24.23 -11.19 21.89
CA ALA C 89 -25.66 -10.97 21.66
C ALA C 89 -26.16 -11.42 20.29
N GLN C 90 -25.27 -11.90 19.42
CA GLN C 90 -25.65 -12.26 18.05
C GLN C 90 -25.08 -13.62 17.71
N ASN C 91 -25.97 -14.52 17.28
CA ASN C 91 -25.67 -15.94 17.17
C ASN C 91 -24.87 -16.29 15.91
N THR C 92 -25.00 -15.51 14.85
CA THR C 92 -24.32 -15.84 13.59
C THR C 92 -24.13 -14.56 12.80
N TRP C 93 -23.06 -14.54 11.99
CA TRP C 93 -22.91 -13.44 11.05
C TRP C 93 -23.88 -13.56 9.89
N GLY C 94 -24.47 -14.73 9.69
CA GLY C 94 -25.46 -14.93 8.64
C GLY C 94 -24.89 -15.61 7.41
N CYS C 95 -25.76 -16.33 6.72
CA CYS C 95 -25.43 -17.09 5.52
C CYS C 95 -26.31 -16.66 4.36
N GLY C 96 -26.00 -17.19 3.21
CA GLY C 96 -26.75 -16.90 2.01
C GLY C 96 -25.85 -16.85 0.81
N ASN C 97 -26.39 -16.35 -0.29
CA ASN C 97 -25.70 -16.33 -1.56
C ASN C 97 -24.91 -15.04 -1.80
N SER C 98 -25.05 -14.05 -0.91
CA SER C 98 -24.33 -12.80 -1.05
C SER C 98 -24.05 -12.25 0.34
N LEU C 99 -22.79 -12.28 0.74
CA LEU C 99 -22.36 -11.85 2.07
C LEU C 99 -21.43 -10.67 1.87
N ARG C 100 -21.80 -9.51 2.41
CA ARG C 100 -21.00 -8.30 2.28
C ARG C 100 -20.61 -7.80 3.67
N THR C 101 -19.31 -7.76 3.94
CA THR C 101 -18.79 -7.33 5.23
C THR C 101 -17.92 -6.10 5.00
N ALA C 102 -18.34 -4.97 5.58
CA ALA C 102 -17.69 -3.69 5.43
C ALA C 102 -17.15 -3.20 6.78
N LEU C 103 -15.94 -2.66 6.75
CA LEU C 103 -15.33 -2.05 7.93
C LEU C 103 -15.53 -0.53 7.82
N ILE C 104 -16.14 0.05 8.83
CA ILE C 104 -16.48 1.47 8.85
C ILE C 104 -15.64 2.10 9.94
N ASN C 105 -15.04 3.26 9.65
CA ASN C 105 -14.18 3.89 10.64
C ASN C 105 -15.01 4.81 11.54
N SER C 106 -14.33 5.51 12.44
CA SER C 106 -14.98 6.29 13.49
C SER C 106 -15.80 7.45 12.96
N THR C 107 -15.51 7.97 11.77
CA THR C 107 -16.27 9.07 11.20
C THR C 107 -17.32 8.62 10.18
N GLY C 108 -17.64 7.33 10.13
CA GLY C 108 -18.70 6.86 9.28
C GLY C 108 -18.32 6.52 7.84
N GLU C 109 -17.04 6.37 7.54
CA GLU C 109 -16.60 6.04 6.18
C GLU C 109 -16.24 4.57 6.05
N GLU C 110 -16.64 3.97 4.92
CA GLU C 110 -16.24 2.59 4.62
C GLU C 110 -14.78 2.59 4.16
N VAL C 111 -13.93 1.84 4.88
CA VAL C 111 -12.50 1.79 4.60
C VAL C 111 -12.03 0.43 4.11
N ALA C 112 -12.86 -0.60 4.19
CA ALA C 112 -12.52 -1.91 3.63
C ALA C 112 -13.81 -2.69 3.43
N MET C 113 -13.74 -3.67 2.56
CA MET C 113 -14.90 -4.49 2.29
C MET C 113 -14.41 -5.84 1.79
N ARG C 114 -15.14 -6.90 2.15
CA ARG C 114 -15.00 -8.17 1.47
C ARG C 114 -16.40 -8.73 1.19
N LYS C 115 -16.64 -9.11 -0.06
CA LYS C 115 -17.94 -9.62 -0.48
C LYS C 115 -17.77 -11.01 -1.04
N LEU C 116 -18.59 -11.95 -0.55
CA LEU C 116 -18.64 -13.30 -1.11
C LEU C 116 -19.96 -13.48 -1.84
N VAL C 117 -19.90 -13.99 -3.06
CA VAL C 117 -21.09 -14.20 -3.88
C VAL C 117 -21.01 -15.60 -4.46
N ARG C 118 -22.13 -16.30 -4.44
CA ARG C 118 -22.22 -17.67 -4.92
C ARG C 118 -23.09 -17.71 -6.18
N SER C 119 -22.62 -18.45 -7.17
CA SER C 119 -23.27 -18.69 -8.45
C SER C 119 -24.80 -18.63 -8.41
N THR D 1 -15.11 23.71 4.90
CA THR D 1 -16.03 23.85 3.77
C THR D 1 -16.32 22.51 3.09
N THR D 2 -17.29 21.77 3.63
CA THR D 2 -17.94 20.67 2.91
C THR D 2 -19.28 20.36 3.56
N SER D 3 -20.25 20.02 2.72
CA SER D 3 -21.64 19.83 3.10
C SER D 3 -21.91 18.40 3.57
N GLN D 4 -23.04 18.22 4.27
CA GLN D 4 -23.44 16.90 4.72
C GLN D 4 -23.77 16.00 3.53
N LYS D 5 -24.44 16.55 2.51
CA LYS D 5 -24.75 15.79 1.32
C LYS D 5 -23.47 15.28 0.66
N HIS D 6 -22.47 16.15 0.53
CA HIS D 6 -21.17 15.75 -0.01
C HIS D 6 -20.54 14.66 0.85
N ARG D 7 -20.49 14.88 2.18
CA ARG D 7 -19.84 13.93 3.08
C ARG D 7 -20.51 12.57 3.05
N ASP D 8 -21.84 12.54 2.92
CA ASP D 8 -22.58 11.29 2.87
C ASP D 8 -22.38 10.58 1.52
N PHE D 9 -22.17 11.33 0.45
CA PHE D 9 -22.00 10.67 -0.85
C PHE D 9 -20.63 9.99 -0.95
N VAL D 10 -19.57 10.64 -0.49
CA VAL D 10 -18.21 10.12 -0.63
C VAL D 10 -17.84 9.13 0.47
N ALA D 11 -18.70 8.96 1.48
CA ALA D 11 -18.37 8.09 2.61
C ALA D 11 -18.50 6.61 2.28
N GLU D 12 -19.22 6.25 1.21
CA GLU D 12 -19.56 4.86 0.97
C GLU D 12 -19.83 4.66 -0.52
N PRO D 13 -19.82 3.42 -1.00
CA PRO D 13 -20.21 3.18 -2.41
C PRO D 13 -21.63 3.69 -2.68
N MET D 14 -21.85 4.10 -3.91
CA MET D 14 -23.09 4.79 -4.25
C MET D 14 -24.21 3.83 -4.60
N GLY D 15 -23.88 2.59 -4.97
CA GLY D 15 -24.88 1.58 -5.28
C GLY D 15 -25.92 2.14 -6.21
N GLU D 16 -27.19 2.10 -5.82
CA GLU D 16 -28.23 2.60 -6.69
C GLU D 16 -28.92 3.87 -6.16
N LYS D 17 -28.15 4.71 -5.49
CA LYS D 17 -28.65 6.01 -5.06
C LYS D 17 -29.17 6.81 -6.24
N PRO D 18 -30.26 7.56 -6.06
CA PRO D 18 -30.76 8.45 -7.11
C PRO D 18 -29.79 9.58 -7.42
N VAL D 19 -29.98 10.20 -8.59
CA VAL D 19 -29.06 11.25 -9.01
C VAL D 19 -29.10 12.41 -8.02
N GLY D 20 -30.25 12.62 -7.37
CA GLY D 20 -30.39 13.69 -6.39
C GLY D 20 -29.52 13.56 -5.16
N SER D 21 -28.92 12.39 -4.91
CA SER D 21 -28.00 12.20 -3.79
C SER D 21 -26.60 12.78 -4.01
N LEU D 22 -26.20 13.00 -5.27
CA LEU D 22 -24.88 13.56 -5.54
C LEU D 22 -24.83 15.03 -5.11
N ALA D 23 -23.72 15.42 -4.50
CA ALA D 23 -23.56 16.80 -4.04
C ALA D 23 -23.68 17.76 -5.22
N GLY D 24 -24.36 18.88 -5.00
CA GLY D 24 -24.59 19.83 -6.05
C GLY D 24 -25.84 19.59 -6.87
N ILE D 25 -26.44 18.41 -6.80
CA ILE D 25 -27.63 18.12 -7.61
C ILE D 25 -28.84 18.55 -6.79
N GLY D 26 -29.28 19.79 -7.02
CA GLY D 26 -30.48 20.31 -6.41
C GLY D 26 -31.75 19.79 -7.05
N GLU D 27 -32.86 20.35 -6.59
CA GLU D 27 -34.19 19.88 -6.97
C GLU D 27 -34.43 20.03 -8.47
N VAL D 28 -34.31 21.26 -8.99
CA VAL D 28 -34.55 21.50 -10.40
C VAL D 28 -33.52 20.77 -11.25
N LEU D 29 -32.24 20.86 -10.86
CA LEU D 29 -31.18 20.20 -11.61
C LEU D 29 -31.40 18.69 -11.71
N GLY D 30 -31.81 18.06 -10.60
CA GLY D 30 -31.97 16.62 -10.61
C GLY D 30 -33.13 16.19 -11.48
N LYS D 31 -34.21 16.96 -11.45
CA LYS D 31 -35.33 16.66 -12.34
C LYS D 31 -34.95 16.77 -13.81
N LYS D 32 -34.19 17.80 -14.17
CA LYS D 32 -33.77 17.92 -15.57
C LYS D 32 -32.83 16.78 -15.96
N LEU D 33 -32.01 16.29 -15.02
CA LEU D 33 -31.13 15.16 -15.32
C LEU D 33 -31.92 13.86 -15.47
N GLU D 34 -32.98 13.68 -14.67
CA GLU D 34 -33.82 12.49 -14.82
C GLU D 34 -34.55 12.49 -16.17
N GLU D 35 -35.01 13.66 -16.63
CA GLU D 35 -35.65 13.78 -17.94
C GLU D 35 -34.71 13.40 -19.08
N ARG D 36 -33.42 13.60 -18.90
CA ARG D 36 -32.38 13.26 -19.87
C ARG D 36 -31.84 11.84 -19.69
N GLY D 37 -32.47 11.05 -18.82
CA GLY D 37 -32.12 9.66 -18.62
C GLY D 37 -31.15 9.37 -17.50
N PHE D 38 -30.75 10.37 -16.72
CA PHE D 38 -29.80 10.16 -15.63
C PHE D 38 -30.55 9.98 -14.31
N ASP D 39 -31.23 8.84 -14.19
CA ASP D 39 -32.08 8.62 -13.01
C ASP D 39 -31.27 8.21 -11.78
N LYS D 40 -30.13 7.54 -11.97
CA LYS D 40 -29.28 7.11 -10.88
C LYS D 40 -27.94 7.83 -10.89
N ALA D 41 -27.36 7.97 -9.70
CA ALA D 41 -26.08 8.64 -9.59
C ALA D 41 -25.01 7.94 -10.43
N TYR D 42 -25.07 6.61 -10.54
CA TYR D 42 -24.03 5.90 -11.25
C TYR D 42 -24.01 6.23 -12.74
N VAL D 43 -25.14 6.68 -13.30
CA VAL D 43 -25.16 7.04 -14.71
C VAL D 43 -24.39 8.32 -14.90
N VAL D 44 -24.42 9.21 -13.90
CA VAL D 44 -23.64 10.42 -13.95
C VAL D 44 -22.17 10.09 -13.73
N LEU D 45 -21.89 9.14 -12.83
CA LEU D 45 -20.54 8.61 -12.73
C LEU D 45 -20.03 8.11 -14.08
N GLY D 46 -20.84 7.33 -14.80
CA GLY D 46 -20.43 6.82 -16.10
C GLY D 46 -19.98 7.93 -17.05
N GLN D 47 -20.75 9.01 -17.14
CA GLN D 47 -20.34 10.12 -18.01
C GLN D 47 -19.06 10.77 -17.51
N PHE D 48 -18.93 10.93 -16.19
CA PHE D 48 -17.69 11.42 -15.60
C PHE D 48 -16.49 10.57 -16.01
N LEU D 49 -16.65 9.24 -16.01
CA LEU D 49 -15.53 8.36 -16.30
C LEU D 49 -15.19 8.35 -17.79
N VAL D 50 -16.19 8.42 -18.67
CA VAL D 50 -15.87 8.39 -20.10
C VAL D 50 -15.23 9.70 -20.52
N LEU D 51 -15.48 10.80 -19.79
CA LEU D 51 -14.78 12.06 -20.00
C LEU D 51 -13.43 12.07 -19.32
N LYS D 52 -12.99 10.92 -18.83
CA LYS D 52 -11.66 10.77 -18.24
C LYS D 52 -11.45 11.69 -17.05
N LYS D 53 -12.49 11.88 -16.25
CA LYS D 53 -12.42 12.63 -15.00
C LYS D 53 -12.01 14.08 -15.21
N ASP D 54 -12.14 14.56 -16.44
CA ASP D 54 -11.71 15.92 -16.77
C ASP D 54 -12.70 16.94 -16.24
N GLU D 55 -12.19 17.89 -15.45
CA GLU D 55 -13.06 18.88 -14.81
C GLU D 55 -13.78 19.73 -15.84
N ASP D 56 -13.03 20.30 -16.79
CA ASP D 56 -13.62 21.23 -17.75
C ASP D 56 -14.68 20.57 -18.61
N LEU D 57 -14.37 19.39 -19.15
CA LEU D 57 -15.36 18.70 -19.99
C LEU D 57 -16.59 18.31 -19.18
N PHE D 58 -16.37 17.81 -17.96
CA PHE D 58 -17.52 17.37 -17.18
C PHE D 58 -18.42 18.56 -16.80
N ARG D 59 -17.83 19.63 -16.26
CA ARG D 59 -18.66 20.76 -15.82
C ARG D 59 -19.34 21.44 -16.99
N GLU D 60 -18.65 21.58 -18.11
CA GLU D 60 -19.30 22.14 -19.29
C GLU D 60 -20.44 21.25 -19.78
N TRP D 61 -20.26 19.94 -19.72
CA TRP D 61 -21.33 19.05 -20.13
C TRP D 61 -22.55 19.20 -19.23
N LEU D 62 -22.33 19.25 -17.92
CA LEU D 62 -23.44 19.35 -16.98
C LEU D 62 -24.18 20.68 -17.14
N LYS D 63 -23.45 21.76 -17.41
CA LYS D 63 -24.10 23.06 -17.62
C LYS D 63 -24.94 23.07 -18.88
N ASP D 64 -24.40 22.53 -19.98
CA ASP D 64 -25.10 22.61 -21.25
C ASP D 64 -26.18 21.55 -21.40
N THR D 65 -26.07 20.44 -20.67
CA THR D 65 -27.07 19.39 -20.78
C THR D 65 -28.24 19.62 -19.84
N ALA D 66 -27.98 20.15 -18.64
CA ALA D 66 -29.05 20.22 -17.66
C ALA D 66 -29.11 21.56 -16.92
N GLY D 67 -28.36 22.57 -17.36
CA GLY D 67 -28.53 23.91 -16.81
C GLY D 67 -27.97 24.12 -15.42
N ALA D 68 -27.03 23.27 -14.99
CA ALA D 68 -26.39 23.43 -13.69
C ALA D 68 -25.61 24.74 -13.66
N ASN D 69 -25.67 25.46 -12.52
CA ASN D 69 -24.84 26.63 -12.35
C ASN D 69 -23.45 26.23 -11.84
N ALA D 70 -22.58 27.24 -11.68
CA ALA D 70 -21.17 26.99 -11.38
C ALA D 70 -20.99 26.29 -10.04
N LYS D 71 -21.70 26.75 -9.01
CA LYS D 71 -21.59 26.07 -7.72
C LYS D 71 -22.06 24.62 -7.82
N GLN D 72 -23.15 24.36 -8.55
CA GLN D 72 -23.65 22.99 -8.64
C GLN D 72 -22.67 22.09 -9.39
N SER D 73 -22.13 22.57 -10.52
CA SER D 73 -21.22 21.71 -11.27
C SER D 73 -19.91 21.51 -10.51
N ARG D 74 -19.46 22.54 -9.78
CA ARG D 74 -18.26 22.40 -8.93
C ARG D 74 -18.46 21.31 -7.88
N ASP D 75 -19.61 21.31 -7.19
CA ASP D 75 -19.82 20.36 -6.10
C ASP D 75 -20.05 18.94 -6.60
N ALA D 76 -20.75 18.80 -7.73
CA ALA D 76 -20.95 17.48 -8.30
C ALA D 76 -19.65 16.89 -8.81
N PHE D 77 -18.82 17.72 -9.47
CA PHE D 77 -17.52 17.25 -9.92
C PHE D 77 -16.65 16.83 -8.73
N GLY D 78 -16.56 17.70 -7.73
CA GLY D 78 -15.74 17.39 -6.57
C GLY D 78 -16.16 16.10 -5.90
N ALA D 79 -17.47 15.88 -5.75
CA ALA D 79 -17.95 14.68 -5.07
C ALA D 79 -17.69 13.43 -5.91
N LEU D 80 -17.93 13.49 -7.22
CA LEU D 80 -17.59 12.36 -8.07
C LEU D 80 -16.10 12.07 -8.06
N ARG D 81 -15.27 13.11 -8.11
CA ARG D 81 -13.83 12.91 -8.12
C ARG D 81 -13.36 12.26 -6.81
N GLU D 82 -13.89 12.73 -5.68
CA GLU D 82 -13.46 12.19 -4.38
C GLU D 82 -13.95 10.77 -4.21
N TRP D 83 -15.16 10.48 -4.66
CA TRP D 83 -15.69 9.12 -4.61
C TRP D 83 -14.80 8.15 -5.40
N ALA D 84 -14.47 8.53 -6.64
CA ALA D 84 -13.66 7.66 -7.49
C ALA D 84 -12.28 7.42 -6.90
N ASP D 85 -11.68 8.45 -6.29
CA ASP D 85 -10.41 8.23 -5.63
C ASP D 85 -10.53 7.23 -4.48
N ALA D 86 -11.68 7.18 -3.81
CA ALA D 86 -11.81 6.29 -2.66
C ALA D 86 -12.28 4.89 -3.04
N PHE D 87 -13.09 4.75 -4.08
CA PHE D 87 -13.80 3.50 -4.34
C PHE D 87 -13.52 2.85 -5.68
N LEU D 88 -13.01 3.59 -6.66
CA LEU D 88 -12.75 2.99 -7.97
C LEU D 88 -11.39 2.28 -8.03
N THR E 1 14.07 24.91 2.07
CA THR E 1 15.05 24.88 3.16
C THR E 1 15.26 23.46 3.68
N THR E 2 16.20 22.75 3.05
CA THR E 2 16.73 21.52 3.58
C THR E 2 18.17 21.39 3.07
N SER E 3 19.05 20.85 3.91
CA SER E 3 20.48 20.90 3.60
C SER E 3 20.87 19.76 2.65
N GLN E 4 22.08 19.88 2.10
CA GLN E 4 22.61 18.82 1.25
C GLN E 4 22.91 17.59 2.06
N LYS E 5 23.54 17.76 3.21
CA LYS E 5 23.85 16.63 4.06
C LYS E 5 22.57 15.89 4.43
N HIS E 6 21.54 16.63 4.82
CA HIS E 6 20.27 16.00 5.16
C HIS E 6 19.73 15.21 3.97
N ARG E 7 19.65 15.83 2.80
CA ARG E 7 19.11 15.17 1.61
C ARG E 7 19.92 13.92 1.27
N ASP E 8 21.24 13.96 1.42
CA ASP E 8 22.08 12.80 1.09
C ASP E 8 21.93 11.70 2.13
N PHE E 9 21.69 12.06 3.38
CA PHE E 9 21.56 11.03 4.42
C PHE E 9 20.23 10.29 4.27
N VAL E 10 19.13 10.99 4.01
CA VAL E 10 17.81 10.33 3.96
C VAL E 10 17.53 9.65 2.63
N ALA E 11 18.42 9.81 1.63
CA ALA E 11 18.13 9.26 0.30
C ALA E 11 18.41 7.75 0.20
N GLU E 12 19.17 7.18 1.13
CA GLU E 12 19.65 5.82 0.95
C GLU E 12 19.91 5.21 2.32
N PRO E 13 19.95 3.87 2.40
CA PRO E 13 20.33 3.24 3.67
C PRO E 13 21.72 3.69 4.06
N MET E 14 21.96 3.73 5.37
CA MET E 14 23.17 4.35 5.88
C MET E 14 24.35 3.41 5.95
N GLY E 15 24.10 2.10 5.99
CA GLY E 15 25.18 1.14 6.01
C GLY E 15 26.20 1.49 7.06
N GLU E 16 27.45 1.68 6.64
CA GLU E 16 28.53 1.96 7.58
C GLU E 16 29.03 3.40 7.49
N LYS E 17 28.17 4.34 7.11
CA LYS E 17 28.55 5.75 7.06
C LYS E 17 29.09 6.25 8.40
N PRO E 18 30.12 7.10 8.39
CA PRO E 18 30.57 7.72 9.66
C PRO E 18 29.51 8.61 10.26
N VAL E 19 29.67 8.87 11.56
CA VAL E 19 28.67 9.66 12.28
C VAL E 19 28.59 11.07 11.70
N GLY E 20 29.69 11.59 11.15
CA GLY E 20 29.72 12.91 10.52
C GLY E 20 28.84 13.04 9.28
N SER E 21 28.35 11.92 8.72
CA SER E 21 27.40 11.98 7.61
C SER E 21 26.00 12.38 8.05
N LEU E 22 25.68 12.21 9.32
CA LEU E 22 24.34 12.57 9.79
C LEU E 22 24.21 14.09 9.82
N ALA E 23 23.08 14.59 9.34
CA ALA E 23 22.85 16.03 9.32
C ALA E 23 22.90 16.61 10.73
N GLY E 24 23.49 17.80 10.85
CA GLY E 24 23.66 18.44 12.13
C GLY E 24 24.92 18.07 12.86
N ILE E 25 25.59 16.99 12.46
CA ILE E 25 26.79 16.52 13.13
C ILE E 25 27.97 17.18 12.41
N GLY E 26 28.38 18.34 12.92
CA GLY E 26 29.57 19.00 12.42
C GLY E 26 30.83 18.36 12.96
N GLU E 27 31.95 18.97 12.60
CA GLU E 27 33.27 18.42 12.93
C GLU E 27 33.49 18.33 14.45
N VAL E 28 33.15 19.39 15.20
CA VAL E 28 33.34 19.36 16.65
C VAL E 28 32.44 18.32 17.30
N LEU E 29 31.15 18.37 16.99
CA LEU E 29 30.19 17.42 17.55
C LEU E 29 30.53 15.97 17.15
N GLY E 30 31.01 15.76 15.92
CA GLY E 30 31.28 14.41 15.48
C GLY E 30 32.47 13.80 16.20
N LYS E 31 33.51 14.60 16.41
CA LYS E 31 34.69 14.15 17.15
C LYS E 31 34.30 13.79 18.58
N LYS E 32 33.47 14.60 19.23
CA LYS E 32 33.06 14.28 20.60
C LYS E 32 32.20 13.02 20.62
N LEU E 33 31.43 12.79 19.55
CA LEU E 33 30.64 11.56 19.49
C LEU E 33 31.53 10.33 19.30
N GLU E 34 32.57 10.45 18.49
CA GLU E 34 33.49 9.34 18.25
C GLU E 34 34.26 8.97 19.52
N GLU E 35 34.67 9.97 20.29
CA GLU E 35 35.34 9.70 21.55
C GLU E 35 34.46 8.91 22.52
N ARG E 36 33.14 9.07 22.44
CA ARG E 36 32.25 8.32 23.31
C ARG E 36 31.84 6.98 22.70
N GLY E 37 32.46 6.57 21.59
CA GLY E 37 32.19 5.28 20.98
C GLY E 37 31.12 5.28 19.90
N PHE E 38 30.57 6.44 19.52
CA PHE E 38 29.58 6.51 18.46
C PHE E 38 30.31 6.84 17.16
N ASP E 39 31.06 5.86 16.66
CA ASP E 39 31.91 6.07 15.49
C ASP E 39 31.12 6.03 14.18
N LYS E 40 30.05 5.24 14.11
CA LYS E 40 29.27 5.13 12.89
C LYS E 40 27.88 5.68 13.12
N ALA E 41 27.26 6.12 12.02
CA ALA E 41 25.92 6.67 12.12
C ALA E 41 24.93 5.67 12.71
N TYR E 42 25.07 4.37 12.41
CA TYR E 42 24.07 3.41 12.91
C TYR E 42 24.07 3.30 14.44
N VAL E 43 25.19 3.63 15.10
CA VAL E 43 25.20 3.59 16.56
C VAL E 43 24.34 4.72 17.13
N VAL E 44 24.31 5.87 16.43
CA VAL E 44 23.45 6.97 16.85
C VAL E 44 21.99 6.66 16.56
N LEU E 45 21.75 6.02 15.40
CA LEU E 45 20.43 5.46 15.11
C LEU E 45 19.97 4.51 16.21
N GLY E 46 20.84 3.61 16.64
CA GLY E 46 20.50 2.70 17.73
C GLY E 46 19.98 3.44 18.95
N GLN E 47 20.65 4.53 19.34
CA GLN E 47 20.19 5.27 20.52
C GLN E 47 18.85 5.97 20.26
N PHE E 48 18.70 6.56 19.06
CA PHE E 48 17.41 7.10 18.65
C PHE E 48 16.30 6.06 18.73
N LEU E 49 16.59 4.82 18.33
CA LEU E 49 15.58 3.78 18.35
C LEU E 49 15.26 3.31 19.77
N VAL E 50 16.29 3.16 20.62
CA VAL E 50 15.98 2.67 21.97
C VAL E 50 15.27 3.74 22.77
N LEU E 51 15.44 5.03 22.42
CA LEU E 51 14.69 6.12 23.02
C LEU E 51 13.30 6.25 22.42
N LYS E 52 12.90 5.27 21.60
CA LYS E 52 11.58 5.19 20.99
C LYS E 52 11.26 6.40 20.12
N LYS E 53 12.28 6.90 19.42
CA LYS E 53 12.13 8.00 18.48
C LYS E 53 11.62 9.27 19.14
N ASP E 54 11.78 9.39 20.46
CA ASP E 54 11.25 10.55 21.16
C ASP E 54 12.17 11.75 20.92
N GLU E 55 11.60 12.85 20.43
CA GLU E 55 12.38 14.03 20.09
C GLU E 55 13.04 14.63 21.33
N ASP E 56 12.27 14.87 22.37
CA ASP E 56 12.79 15.52 23.56
C ASP E 56 13.91 14.71 24.18
N LEU E 57 13.70 13.39 24.33
CA LEU E 57 14.73 12.55 24.94
C LEU E 57 15.99 12.47 24.05
N PHE E 58 15.82 12.34 22.74
CA PHE E 58 17.01 12.22 21.89
C PHE E 58 17.81 13.51 21.87
N ARG E 59 17.12 14.64 21.67
CA ARG E 59 17.82 15.92 21.57
C ARG E 59 18.47 16.31 22.89
N GLU E 60 17.82 16.01 24.04
CA GLU E 60 18.45 16.27 25.33
C GLU E 60 19.68 15.39 25.53
N TRP E 61 19.61 14.13 25.07
CA TRP E 61 20.74 13.23 25.23
C TRP E 61 21.93 13.72 24.40
N LEU E 62 21.67 14.12 23.16
CA LEU E 62 22.76 14.60 22.31
C LEU E 62 23.34 15.89 22.91
N LYS E 63 22.50 16.73 23.52
CA LYS E 63 23.04 17.95 24.13
C LYS E 63 23.90 17.62 25.33
N ASP E 64 23.44 16.73 26.21
CA ASP E 64 24.15 16.47 27.47
C ASP E 64 25.34 15.52 27.32
N THR E 65 25.33 14.61 26.34
CA THR E 65 26.47 13.68 26.22
C THR E 65 27.57 14.21 25.32
N ALA E 66 27.23 15.01 24.31
CA ALA E 66 28.24 15.42 23.32
C ALA E 66 28.21 16.91 23.01
N GLY E 67 27.45 17.71 23.77
CA GLY E 67 27.50 19.16 23.69
C GLY E 67 26.84 19.79 22.48
N ALA E 68 25.92 19.08 21.83
CA ALA E 68 25.22 19.62 20.67
C ALA E 68 24.37 20.84 21.05
N ASN E 69 24.35 21.86 20.18
CA ASN E 69 23.45 23.00 20.33
C ASN E 69 22.07 22.66 19.75
N ALA E 70 21.14 23.62 19.88
CA ALA E 70 19.75 23.34 19.53
C ALA E 70 19.59 23.04 18.05
N LYS E 71 20.24 23.82 17.18
CA LYS E 71 20.14 23.59 15.74
C LYS E 71 20.69 22.23 15.36
N GLN E 72 21.82 21.83 15.94
CA GLN E 72 22.41 20.54 15.63
C GLN E 72 21.51 19.40 16.08
N SER E 73 20.95 19.48 17.28
CA SER E 73 20.10 18.37 17.69
C SER E 73 18.82 18.34 16.87
N ARG E 74 18.30 19.50 16.49
CA ARG E 74 17.11 19.53 15.62
C ARG E 74 17.37 18.80 14.32
N ASP E 75 18.52 19.09 13.69
CA ASP E 75 18.85 18.54 12.37
C ASP E 75 19.25 17.07 12.43
N ALA E 76 19.88 16.63 13.51
CA ALA E 76 20.20 15.22 13.65
C ALA E 76 18.93 14.39 13.85
N PHE E 77 18.04 14.89 14.71
CA PHE E 77 16.79 14.18 14.94
C PHE E 77 15.94 14.13 13.67
N GLY E 78 15.76 15.28 13.02
CA GLY E 78 14.97 15.31 11.79
C GLY E 78 15.48 14.34 10.74
N ALA E 79 16.82 14.22 10.61
CA ALA E 79 17.40 13.32 9.62
C ALA E 79 17.18 11.86 10.00
N LEU E 80 17.41 11.53 11.27
CA LEU E 80 17.14 10.16 11.74
C LEU E 80 15.67 9.81 11.59
N ARG E 81 14.78 10.72 11.97
CA ARG E 81 13.35 10.42 11.89
C ARG E 81 12.92 10.19 10.45
N GLU E 82 13.41 11.01 9.53
CA GLU E 82 13.02 10.86 8.14
C GLU E 82 13.62 9.61 7.54
N TRP E 83 14.87 9.31 7.89
CA TRP E 83 15.50 8.07 7.45
C TRP E 83 14.71 6.86 7.93
N ALA E 84 14.37 6.85 9.22
CA ALA E 84 13.61 5.72 9.79
C ALA E 84 12.25 5.59 9.12
N ASP E 85 11.60 6.72 8.80
CA ASP E 85 10.34 6.64 8.09
C ASP E 85 10.51 5.99 6.70
N ALA E 86 11.66 6.17 6.06
CA ALA E 86 11.80 5.60 4.72
C ALA E 86 12.30 4.17 4.72
N PHE E 87 13.17 3.81 5.67
CA PHE E 87 13.93 2.57 5.54
C PHE E 87 13.66 1.53 6.62
N LEU E 88 13.14 1.90 7.78
CA LEU E 88 12.94 0.90 8.82
C LEU E 88 11.68 0.06 8.61
N THR F 2 14.82 -23.45 9.23
CA THR F 2 14.51 -22.19 9.92
C THR F 2 12.99 -21.94 9.92
N SER F 3 12.51 -21.26 10.97
CA SER F 3 11.09 -21.14 11.28
C SER F 3 10.43 -20.05 10.43
N GLN F 4 9.09 -20.06 10.47
CA GLN F 4 8.31 -19.08 9.72
C GLN F 4 8.53 -17.67 10.24
N LYS F 5 8.60 -17.50 11.57
CA LYS F 5 8.83 -16.17 12.14
C LYS F 5 10.13 -15.58 11.64
N HIS F 6 11.21 -16.38 11.64
CA HIS F 6 12.47 -15.89 11.13
C HIS F 6 12.34 -15.45 9.68
N ARG F 7 11.81 -16.33 8.82
CA ARG F 7 11.70 -16.00 7.41
C ARG F 7 10.86 -14.75 7.19
N ASP F 8 9.73 -14.62 7.92
CA ASP F 8 8.87 -13.46 7.72
C ASP F 8 9.50 -12.17 8.27
N PHE F 9 10.30 -12.29 9.31
CA PHE F 9 10.89 -11.09 9.88
C PHE F 9 12.02 -10.53 9.03
N VAL F 10 12.89 -11.40 8.53
CA VAL F 10 14.06 -10.91 7.80
C VAL F 10 13.76 -10.58 6.35
N ALA F 11 12.58 -10.93 5.85
CA ALA F 11 12.25 -10.79 4.43
C ALA F 11 11.84 -9.38 4.02
N GLU F 12 11.49 -8.51 4.96
CA GLU F 12 10.88 -7.22 4.68
C GLU F 12 11.21 -6.27 5.83
N PRO F 13 11.09 -4.95 5.63
CA PRO F 13 11.32 -4.01 6.73
C PRO F 13 10.39 -4.22 7.92
N MET F 14 10.88 -3.91 9.11
CA MET F 14 10.07 -4.26 10.27
C MET F 14 9.09 -3.17 10.66
N GLY F 15 9.31 -1.93 10.27
CA GLY F 15 8.41 -0.86 10.69
C GLY F 15 8.11 -0.87 12.18
N GLU F 16 6.82 -0.93 12.54
CA GLU F 16 6.38 -0.90 13.94
C GLU F 16 5.84 -2.26 14.41
N LYS F 17 6.35 -3.37 13.84
CA LYS F 17 5.94 -4.70 14.26
C LYS F 17 6.15 -4.89 15.77
N PRO F 18 5.25 -5.59 16.46
CA PRO F 18 5.48 -5.83 17.90
C PRO F 18 6.71 -6.70 18.12
N VAL F 19 7.25 -6.63 19.35
CA VAL F 19 8.50 -7.33 19.64
C VAL F 19 8.35 -8.85 19.46
N GLY F 20 7.16 -9.38 19.71
CA GLY F 20 6.88 -10.80 19.50
C GLY F 20 6.98 -11.24 18.05
N SER F 21 7.08 -10.30 17.11
CA SER F 21 7.27 -10.68 15.70
C SER F 21 8.69 -11.15 15.41
N LEU F 22 9.63 -10.80 16.28
CA LEU F 22 11.03 -11.19 16.14
C LEU F 22 11.22 -12.65 16.51
N ALA F 23 11.98 -13.37 15.68
CA ALA F 23 12.24 -14.79 15.94
C ALA F 23 12.88 -14.98 17.31
N GLY F 24 12.47 -16.04 18.01
CA GLY F 24 12.95 -16.31 19.34
C GLY F 24 12.15 -15.66 20.46
N ILE F 25 11.36 -14.62 20.15
CA ILE F 25 10.61 -13.88 21.17
C ILE F 25 9.27 -14.57 21.33
N GLY F 26 9.19 -15.48 22.30
CA GLY F 26 7.93 -16.09 22.67
C GLY F 26 7.09 -15.16 23.55
N GLU F 27 5.95 -15.69 24.01
CA GLU F 27 4.98 -14.88 24.75
C GLU F 27 5.58 -14.31 26.04
N VAL F 28 6.18 -15.18 26.87
CA VAL F 28 6.77 -14.73 28.14
C VAL F 28 7.93 -13.77 27.90
N LEU F 29 8.87 -14.14 27.03
CA LEU F 29 9.99 -13.25 26.72
C LEU F 29 9.48 -11.91 26.20
N GLY F 30 8.47 -11.95 25.33
CA GLY F 30 7.92 -10.72 24.78
C GLY F 30 7.20 -9.87 25.81
N LYS F 31 6.52 -10.51 26.74
CA LYS F 31 5.85 -9.77 27.81
C LYS F 31 6.87 -9.07 28.69
N LYS F 32 7.94 -9.77 29.05
CA LYS F 32 8.99 -9.16 29.86
C LYS F 32 9.69 -8.04 29.10
N LEU F 33 9.80 -8.16 27.79
CA LEU F 33 10.40 -7.10 27.00
C LEU F 33 9.48 -5.88 26.95
N GLU F 34 8.17 -6.10 26.86
CA GLU F 34 7.24 -4.97 26.81
C GLU F 34 7.20 -4.19 28.13
N GLU F 35 7.23 -4.91 29.26
CA GLU F 35 7.27 -4.21 30.55
C GLU F 35 8.54 -3.38 30.70
N ARG F 36 9.63 -3.79 30.09
CA ARG F 36 10.89 -3.07 30.16
C ARG F 36 10.99 -1.96 29.13
N GLY F 37 9.94 -1.73 28.35
CA GLY F 37 9.95 -0.67 27.38
C GLY F 37 10.39 -1.08 25.99
N PHE F 38 10.67 -2.36 25.77
CA PHE F 38 11.01 -2.85 24.42
C PHE F 38 9.79 -3.50 23.77
N ASP F 39 8.76 -2.68 23.54
CA ASP F 39 7.48 -3.20 23.06
C ASP F 39 7.46 -3.50 21.56
N LYS F 40 8.25 -2.79 20.77
CA LYS F 40 8.27 -2.98 19.32
C LYS F 40 9.61 -3.59 18.89
N ALA F 41 9.61 -4.34 17.78
CA ALA F 41 10.83 -4.98 17.32
C ALA F 41 11.96 -3.97 17.10
N TYR F 42 11.63 -2.77 16.62
CA TYR F 42 12.66 -1.79 16.32
C TYR F 42 13.37 -1.27 17.57
N VAL F 43 12.73 -1.35 18.75
CA VAL F 43 13.44 -0.91 19.95
C VAL F 43 14.54 -1.90 20.28
N VAL F 44 14.31 -3.18 20.01
CA VAL F 44 15.34 -4.20 20.25
C VAL F 44 16.44 -4.10 19.19
N LEU F 45 16.08 -3.80 17.94
CA LEU F 45 17.10 -3.45 16.94
C LEU F 45 17.97 -2.33 17.47
N GLY F 46 17.34 -1.26 17.96
CA GLY F 46 18.11 -0.16 18.52
C GLY F 46 19.14 -0.66 19.52
N GLN F 47 18.74 -1.59 20.40
CA GLN F 47 19.67 -2.12 21.39
C GLN F 47 20.78 -2.95 20.72
N PHE F 48 20.41 -3.78 19.76
CA PHE F 48 21.40 -4.49 18.98
C PHE F 48 22.41 -3.50 18.35
N LEU F 49 21.91 -2.34 17.89
CA LEU F 49 22.81 -1.38 17.24
C LEU F 49 23.70 -0.64 18.25
N VAL F 50 23.18 -0.24 19.42
CA VAL F 50 24.07 0.45 20.35
C VAL F 50 25.08 -0.50 20.96
N LEU F 51 24.82 -1.81 20.95
CA LEU F 51 25.84 -2.80 21.29
C LEU F 51 26.77 -3.10 20.09
N LYS F 52 26.70 -2.29 19.03
CA LYS F 52 27.56 -2.46 17.86
C LYS F 52 27.42 -3.86 17.28
N LYS F 53 26.19 -4.38 17.31
CA LYS F 53 25.85 -5.68 16.71
C LYS F 53 26.64 -6.81 17.33
N ASP F 54 27.18 -6.65 18.54
CA ASP F 54 28.00 -7.69 19.14
C ASP F 54 27.13 -8.81 19.72
N GLU F 55 27.42 -10.06 19.32
CA GLU F 55 26.62 -11.22 19.72
C GLU F 55 26.65 -11.46 21.22
N ASP F 56 27.85 -11.55 21.81
CA ASP F 56 27.93 -11.87 23.24
C ASP F 56 27.21 -10.83 24.07
N LEU F 57 27.46 -9.55 23.78
CA LEU F 57 26.80 -8.47 24.52
C LEU F 57 25.29 -8.51 24.35
N PHE F 58 24.82 -8.78 23.13
CA PHE F 58 23.38 -8.77 22.90
C PHE F 58 22.69 -9.92 23.62
N ARG F 59 23.24 -11.13 23.52
CA ARG F 59 22.58 -12.28 24.13
C ARG F 59 22.65 -12.21 25.66
N GLU F 60 23.76 -11.72 26.20
CA GLU F 60 23.85 -11.57 27.65
C GLU F 60 22.86 -10.51 28.15
N TRP F 61 22.69 -9.43 27.38
CA TRP F 61 21.69 -8.42 27.74
C TRP F 61 20.28 -8.99 27.66
N LEU F 62 19.97 -9.72 26.59
CA LEU F 62 18.65 -10.30 26.40
C LEU F 62 18.33 -11.32 27.50
N LYS F 63 19.34 -12.08 27.91
CA LYS F 63 19.16 -13.05 28.98
C LYS F 63 18.94 -12.33 30.31
N ASP F 64 19.68 -11.25 30.57
CA ASP F 64 19.59 -10.60 31.87
C ASP F 64 18.34 -9.73 32.03
N THR F 65 17.83 -9.14 30.94
CA THR F 65 16.69 -8.25 31.09
C THR F 65 15.35 -8.96 31.03
N ALA F 66 15.24 -10.04 30.25
CA ALA F 66 13.95 -10.66 30.01
C ALA F 66 13.99 -12.18 30.08
N GLY F 67 15.08 -12.79 30.57
CA GLY F 67 15.11 -14.22 30.84
C GLY F 67 15.24 -15.13 29.64
N ALA F 68 15.75 -14.64 28.50
CA ALA F 68 15.90 -15.49 27.33
C ALA F 68 16.85 -16.66 27.61
N ASN F 69 16.47 -17.84 27.14
CA ASN F 69 17.38 -18.99 27.18
C ASN F 69 18.30 -18.92 25.96
N ALA F 70 19.22 -19.90 25.85
CA ALA F 70 20.24 -19.82 24.81
C ALA F 70 19.66 -19.82 23.40
N LYS F 71 18.71 -20.73 23.13
CA LYS F 71 18.09 -20.80 21.80
C LYS F 71 17.34 -19.53 21.44
N GLN F 72 16.60 -18.96 22.39
CA GLN F 72 15.84 -17.75 22.09
C GLN F 72 16.76 -16.60 21.75
N SER F 73 17.82 -16.41 22.53
CA SER F 73 18.70 -15.27 22.26
C SER F 73 19.49 -15.50 20.97
N ARG F 74 19.87 -16.75 20.70
CA ARG F 74 20.53 -17.10 19.44
C ARG F 74 19.66 -16.72 18.26
N ASP F 75 18.38 -17.08 18.32
CA ASP F 75 17.47 -16.88 17.19
C ASP F 75 17.10 -15.41 17.05
N ALA F 76 16.99 -14.69 18.17
CA ALA F 76 16.75 -13.26 18.09
C ALA F 76 17.95 -12.52 17.53
N PHE F 77 19.15 -12.86 17.99
CA PHE F 77 20.35 -12.22 17.50
C PHE F 77 20.52 -12.49 16.00
N GLY F 78 20.44 -13.76 15.61
CA GLY F 78 20.61 -14.13 14.22
C GLY F 78 19.65 -13.39 13.30
N ALA F 79 18.39 -13.25 13.73
CA ALA F 79 17.39 -12.57 12.90
C ALA F 79 17.68 -11.07 12.78
N LEU F 80 18.05 -10.42 13.88
CA LEU F 80 18.43 -9.01 13.82
C LEU F 80 19.68 -8.80 12.96
N ARG F 81 20.67 -9.68 13.10
CA ARG F 81 21.88 -9.52 12.29
C ARG F 81 21.55 -9.67 10.81
N GLU F 82 20.68 -10.62 10.47
CA GLU F 82 20.32 -10.84 9.07
C GLU F 82 19.45 -9.69 8.56
N TRP F 83 18.54 -9.18 9.40
CA TRP F 83 17.73 -8.04 9.00
C TRP F 83 18.59 -6.82 8.73
N ALA F 84 19.50 -6.51 9.65
CA ALA F 84 20.35 -5.34 9.52
C ALA F 84 21.28 -5.43 8.31
N ASP F 85 21.82 -6.62 8.04
CA ASP F 85 22.69 -6.80 6.88
C ASP F 85 21.97 -6.48 5.58
N ALA F 86 20.66 -6.69 5.54
CA ALA F 86 19.88 -6.44 4.33
C ALA F 86 19.34 -5.01 4.26
N PHE F 87 18.96 -4.43 5.40
CA PHE F 87 18.12 -3.26 5.35
C PHE F 87 18.76 -1.99 5.88
N LEU F 88 19.84 -2.08 6.63
CA LEU F 88 20.50 -0.90 7.18
C LEU F 88 21.40 -0.25 6.14
N SER G 2 20.33 -21.55 -3.14
CA SER G 2 20.24 -21.41 -1.70
C SER G 2 20.26 -19.94 -1.30
N PHE G 3 19.59 -19.10 -2.10
CA PHE G 3 19.47 -17.67 -1.85
C PHE G 3 18.23 -17.36 -1.01
N SER G 4 18.41 -16.65 0.10
CA SER G 4 17.27 -16.04 0.77
C SER G 4 17.05 -14.67 0.15
N GLN G 5 15.80 -14.21 0.16
CA GLN G 5 15.45 -12.94 -0.45
C GLN G 5 14.99 -11.96 0.62
N HIS G 6 15.34 -10.68 0.39
CA HIS G 6 14.96 -9.57 1.24
C HIS G 6 14.60 -8.43 0.31
N ALA G 7 13.44 -7.81 0.53
CA ALA G 7 12.97 -6.75 -0.35
C ALA G 7 12.34 -5.64 0.46
N ARG G 8 12.53 -4.41 -0.02
CA ARG G 8 11.86 -3.24 0.50
C ARG G 8 11.28 -2.45 -0.66
N THR G 9 9.99 -2.12 -0.58
CA THR G 9 9.30 -1.32 -1.58
C THR G 9 8.66 -0.14 -0.89
N SER G 10 9.15 1.07 -1.20
CA SER G 10 8.62 2.25 -0.53
C SER G 10 7.66 3.08 -1.39
N GLY G 11 7.56 2.81 -2.71
CA GLY G 11 6.56 3.48 -3.54
C GLY G 11 5.73 2.50 -4.36
N ARG G 12 5.39 2.91 -5.59
CA ARG G 12 4.51 2.12 -6.45
C ARG G 12 5.21 0.96 -7.16
N VAL G 13 6.53 1.03 -7.37
CA VAL G 13 7.27 0.03 -8.13
C VAL G 13 8.15 -0.77 -7.19
N ALA G 14 8.08 -2.10 -7.31
CA ALA G 14 8.93 -3.02 -6.59
C ALA G 14 9.95 -3.66 -7.51
N VAL G 15 11.10 -4.05 -6.92
CA VAL G 15 11.99 -4.97 -7.60
C VAL G 15 11.43 -6.36 -7.32
N GLU G 16 10.71 -6.93 -8.29
CA GLU G 16 9.90 -8.12 -8.07
C GLU G 16 10.69 -9.42 -8.21
N GLU G 17 11.55 -9.52 -9.22
CA GLU G 17 12.33 -10.73 -9.39
C GLU G 17 13.74 -10.37 -9.87
N VAL G 18 14.73 -11.01 -9.26
CA VAL G 18 16.13 -10.87 -9.64
C VAL G 18 16.64 -12.25 -10.03
N ASP G 19 17.12 -12.39 -11.25
CA ASP G 19 17.65 -13.67 -11.72
C ASP G 19 18.98 -13.98 -11.05
N GLU G 20 19.08 -15.19 -10.50
CA GLU G 20 20.27 -15.61 -9.76
C GLU G 20 21.49 -15.79 -10.68
N GLU G 21 21.26 -16.15 -11.95
CA GLU G 21 22.35 -16.27 -12.90
C GLU G 21 22.56 -15.00 -13.73
N GLY G 22 21.96 -13.88 -13.34
CA GLY G 22 22.29 -12.58 -13.89
C GLY G 22 21.71 -12.22 -15.25
N LYS G 23 20.63 -12.88 -15.69
CA LYS G 23 20.11 -12.60 -17.03
C LYS G 23 19.16 -11.40 -17.06
N PHE G 24 18.43 -11.16 -15.97
CA PHE G 24 17.43 -10.10 -16.00
C PHE G 24 17.19 -9.56 -14.60
N VAL G 25 16.61 -8.37 -14.58
CA VAL G 25 15.97 -7.79 -13.41
C VAL G 25 14.56 -7.42 -13.83
N ARG G 26 13.58 -7.68 -12.97
CA ARG G 26 12.17 -7.53 -13.30
C ARG G 26 11.53 -6.58 -12.30
N LEU G 27 10.85 -5.55 -12.81
CA LEU G 27 10.16 -4.57 -12.00
C LEU G 27 8.67 -4.69 -12.18
N ARG G 28 7.91 -4.49 -11.10
CA ARG G 28 6.45 -4.51 -11.16
C ARG G 28 5.87 -3.26 -10.52
N ASN G 29 4.98 -2.59 -11.23
CA ASN G 29 4.17 -1.55 -10.62
C ASN G 29 3.08 -2.26 -9.85
N LYS G 30 3.24 -2.34 -8.53
CA LYS G 30 2.31 -3.13 -7.75
C LYS G 30 1.07 -2.36 -7.33
N SER G 31 0.88 -1.14 -7.85
CA SER G 31 -0.23 -0.28 -7.47
C SER G 31 -1.26 -0.22 -8.59
N ASN G 32 -2.31 0.56 -8.32
CA ASN G 32 -3.41 0.76 -9.25
C ASN G 32 -3.28 2.07 -10.03
N GLU G 33 -2.12 2.70 -10.00
CA GLU G 33 -1.87 3.98 -10.69
C GLU G 33 -0.57 3.87 -11.49
N ASP G 34 -0.52 4.55 -12.64
CA ASP G 34 0.71 4.57 -13.43
C ASP G 34 1.85 5.28 -12.71
N GLN G 35 3.08 4.92 -13.06
CA GLN G 35 4.29 5.47 -12.46
C GLN G 35 5.21 6.01 -13.53
N SER G 36 5.45 7.33 -13.49
CA SER G 36 6.52 7.91 -14.29
C SER G 36 7.87 7.45 -13.75
N MET G 37 8.73 6.96 -14.64
CA MET G 37 10.05 6.48 -14.25
C MET G 37 11.16 7.11 -15.09
N GLY G 38 10.86 8.17 -15.84
CA GLY G 38 11.88 8.90 -16.58
C GLY G 38 13.12 9.23 -15.78
N ASN G 39 14.29 8.83 -16.30
CA ASN G 39 15.61 9.02 -15.70
C ASN G 39 15.80 8.25 -14.38
N TRP G 40 14.96 7.26 -14.06
CA TRP G 40 15.24 6.42 -12.91
C TRP G 40 16.44 5.53 -13.21
N GLN G 41 17.03 4.99 -12.15
CA GLN G 41 18.19 4.13 -12.30
C GLN G 41 18.00 2.85 -11.49
N ILE G 42 18.49 1.74 -12.05
CA ILE G 42 18.72 0.50 -11.31
C ILE G 42 20.21 0.42 -10.98
N LYS G 43 20.52 0.12 -9.72
CA LYS G 43 21.89 0.00 -9.21
C LYS G 43 22.09 -1.39 -8.64
N ARG G 44 23.09 -2.10 -9.18
CA ARG G 44 23.36 -3.49 -8.83
C ARG G 44 24.75 -3.61 -8.20
N GLN G 45 24.79 -4.06 -6.94
CA GLN G 45 26.02 -4.29 -6.20
C GLN G 45 26.17 -5.79 -5.90
N ASN G 46 27.19 -6.41 -6.50
CA ASN G 46 27.49 -7.83 -6.35
C ASN G 46 28.75 -7.96 -5.51
N GLY G 47 28.60 -8.43 -4.26
CA GLY G 47 29.77 -8.58 -3.41
C GLY G 47 30.56 -7.29 -3.38
N ASP G 48 31.87 -7.39 -3.65
CA ASP G 48 32.78 -6.26 -3.70
C ASP G 48 33.04 -5.76 -5.13
N ASP G 49 32.22 -6.14 -6.11
CA ASP G 49 32.49 -5.74 -7.48
C ASP G 49 32.23 -4.25 -7.68
N PRO G 50 32.74 -3.66 -8.76
CA PRO G 50 32.31 -2.31 -9.14
C PRO G 50 30.80 -2.25 -9.32
N LEU G 51 30.23 -1.11 -8.99
CA LEU G 51 28.80 -0.91 -9.11
C LEU G 51 28.38 -0.85 -10.58
N LEU G 52 27.27 -1.51 -10.87
CA LEU G 52 26.60 -1.51 -12.17
C LEU G 52 25.38 -0.61 -12.09
N THR G 53 25.20 0.24 -13.09
CA THR G 53 24.11 1.22 -13.11
C THR G 53 23.45 1.22 -14.47
N TYR G 54 22.12 1.03 -14.48
CA TYR G 54 21.30 1.11 -15.68
C TYR G 54 20.39 2.33 -15.57
N ARG G 55 20.37 3.15 -16.62
CA ARG G 55 19.54 4.35 -16.64
C ARG G 55 18.32 4.13 -17.54
N PHE G 56 17.13 4.45 -17.02
CA PHE G 56 15.93 4.43 -17.83
C PHE G 56 15.92 5.61 -18.81
N PRO G 57 15.16 5.52 -19.89
CA PRO G 57 15.07 6.64 -20.83
C PRO G 57 14.47 7.86 -20.15
N PRO G 58 14.73 9.06 -20.68
CA PRO G 58 14.25 10.29 -20.01
C PRO G 58 12.75 10.37 -19.83
N LYS G 59 11.96 9.69 -20.65
CA LYS G 59 10.54 9.52 -20.40
C LYS G 59 10.21 8.04 -20.46
N PHE G 60 9.57 7.53 -19.42
CA PHE G 60 9.21 6.12 -19.33
C PHE G 60 8.10 5.99 -18.31
N THR G 61 7.05 5.24 -18.65
CA THR G 61 5.92 5.05 -17.77
C THR G 61 5.68 3.56 -17.59
N LEU G 62 5.64 3.13 -16.33
CA LEU G 62 5.25 1.76 -15.99
C LEU G 62 3.79 1.80 -15.54
N LYS G 63 2.90 1.29 -16.38
CA LYS G 63 1.48 1.44 -16.09
C LYS G 63 1.06 0.54 -14.93
N ALA G 64 -0.07 0.92 -14.33
CA ALA G 64 -0.61 0.22 -13.16
C ALA G 64 -0.64 -1.29 -13.37
N GLY G 65 -0.01 -2.01 -12.42
CA GLY G 65 -0.01 -3.46 -12.40
C GLY G 65 0.90 -4.16 -13.40
N GLN G 66 1.63 -3.42 -14.22
CA GLN G 66 2.41 -4.00 -15.31
C GLN G 66 3.86 -4.25 -14.91
N VAL G 67 4.57 -4.97 -15.78
CA VAL G 67 5.93 -5.44 -15.51
C VAL G 67 6.87 -4.93 -16.61
N VAL G 68 8.09 -4.57 -16.22
CA VAL G 68 9.19 -4.31 -17.16
C VAL G 68 10.37 -5.21 -16.76
N THR G 69 10.98 -5.83 -17.74
CA THR G 69 12.15 -6.69 -17.55
C THR G 69 13.35 -6.10 -18.27
N ILE G 70 14.44 -5.92 -17.52
CA ILE G 70 15.69 -5.42 -18.07
C ILE G 70 16.61 -6.62 -18.19
N TRP G 71 16.92 -6.98 -19.44
CA TRP G 71 17.76 -8.12 -19.78
C TRP G 71 19.19 -7.67 -19.99
N ALA G 72 20.13 -8.37 -19.37
CA ALA G 72 21.53 -8.27 -19.80
C ALA G 72 21.66 -8.72 -21.25
N ALA G 73 22.68 -8.18 -21.94
CA ALA G 73 22.86 -8.44 -23.37
C ALA G 73 23.04 -9.92 -23.67
N GLY G 74 23.64 -10.68 -22.73
CA GLY G 74 23.97 -12.08 -22.95
C GLY G 74 22.84 -13.04 -22.74
N ALA G 75 21.66 -12.56 -22.33
CA ALA G 75 20.51 -13.43 -22.19
C ALA G 75 19.93 -13.85 -23.54
N GLY G 76 20.21 -13.10 -24.60
CA GLY G 76 19.64 -13.40 -25.92
C GLY G 76 18.22 -12.93 -26.11
N ALA G 77 17.73 -12.00 -25.28
CA ALA G 77 16.36 -11.52 -25.36
C ALA G 77 16.17 -10.55 -26.52
N THR G 78 14.89 -10.29 -26.85
CA THR G 78 14.52 -9.35 -27.90
C THR G 78 14.06 -8.05 -27.25
N HIS G 79 14.67 -6.94 -27.66
CA HIS G 79 14.29 -5.61 -27.16
C HIS G 79 12.90 -5.25 -27.63
N SER G 80 12.01 -4.93 -26.69
CA SER G 80 10.62 -4.66 -27.07
C SER G 80 9.94 -3.76 -26.04
N PRO G 81 10.19 -2.45 -26.09
CA PRO G 81 9.60 -1.56 -25.10
C PRO G 81 8.08 -1.59 -25.18
N PRO G 82 7.39 -1.40 -24.04
CA PRO G 82 7.92 -1.03 -22.73
C PRO G 82 8.09 -2.18 -21.77
N THR G 83 7.78 -3.40 -22.22
CA THR G 83 7.82 -4.55 -21.33
C THR G 83 9.20 -5.19 -21.22
N ASP G 84 10.00 -5.17 -22.28
CA ASP G 84 11.29 -5.85 -22.30
C ASP G 84 12.35 -4.92 -22.85
N LEU G 85 13.25 -4.47 -21.97
CA LEU G 85 14.38 -3.65 -22.34
C LEU G 85 15.65 -4.50 -22.30
N VAL G 86 16.49 -4.33 -23.31
CA VAL G 86 17.77 -5.02 -23.43
C VAL G 86 18.89 -4.04 -23.09
N TRP G 87 19.80 -4.46 -22.23
CA TRP G 87 20.96 -3.65 -21.87
C TRP G 87 22.10 -4.09 -22.75
N LYS G 88 22.17 -3.52 -23.94
CA LYS G 88 23.06 -4.12 -24.94
C LYS G 88 24.53 -3.98 -24.58
N ALA G 89 24.91 -3.00 -23.77
CA ALA G 89 26.33 -2.76 -23.49
C ALA G 89 26.86 -3.56 -22.31
N GLN G 90 26.02 -4.33 -21.62
CA GLN G 90 26.41 -5.06 -20.42
C GLN G 90 25.91 -6.50 -20.54
N ASN G 91 26.83 -7.46 -20.47
CA ASN G 91 26.50 -8.84 -20.79
C ASN G 91 25.85 -9.59 -19.64
N THR G 92 25.96 -9.11 -18.40
CA THR G 92 25.37 -9.81 -17.28
C THR G 92 25.08 -8.84 -16.15
N TRP G 93 24.03 -9.15 -15.39
CA TRP G 93 23.78 -8.41 -14.16
C TRP G 93 24.79 -8.78 -13.08
N GLY G 94 25.48 -9.90 -13.26
CA GLY G 94 26.51 -10.35 -12.34
C GLY G 94 25.99 -11.41 -11.38
N CYS G 95 26.89 -12.28 -10.93
CA CYS G 95 26.58 -13.39 -10.04
C CYS G 95 27.45 -13.30 -8.78
N GLY G 96 27.15 -14.17 -7.84
CA GLY G 96 27.89 -14.23 -6.59
C GLY G 96 26.98 -14.59 -5.45
N ASN G 97 27.50 -14.42 -4.23
CA ASN G 97 26.80 -14.84 -3.04
C ASN G 97 25.97 -13.72 -2.41
N SER G 98 26.08 -12.50 -2.92
CA SER G 98 25.30 -11.37 -2.41
C SER G 98 25.01 -10.45 -3.58
N LEU G 99 23.75 -10.39 -3.98
CA LEU G 99 23.31 -9.61 -5.13
C LEU G 99 22.31 -8.58 -4.63
N ARG G 100 22.62 -7.30 -4.81
CA ARG G 100 21.76 -6.23 -4.33
C ARG G 100 21.34 -5.36 -5.50
N THR G 101 20.02 -5.26 -5.70
CA THR G 101 19.44 -4.52 -6.81
C THR G 101 18.54 -3.43 -6.26
N ALA G 102 18.90 -2.18 -6.49
CA ALA G 102 18.18 -1.04 -5.97
C ALA G 102 17.63 -0.18 -7.10
N LEU G 103 16.39 0.26 -6.92
CA LEU G 103 15.71 1.18 -7.82
C LEU G 103 15.80 2.60 -7.26
N ILE G 104 16.35 3.51 -8.06
CA ILE G 104 16.58 4.88 -7.66
C ILE G 104 15.71 5.79 -8.52
N ASN G 105 15.05 6.77 -7.90
CA ASN G 105 14.13 7.64 -8.62
C ASN G 105 14.89 8.83 -9.20
N SER G 106 14.16 9.76 -9.84
CA SER G 106 14.82 10.80 -10.60
C SER G 106 15.61 11.77 -9.73
N THR G 107 15.29 11.89 -8.45
CA THR G 107 16.02 12.78 -7.56
C THR G 107 17.07 12.04 -6.73
N GLY G 108 17.40 10.82 -7.12
CA GLY G 108 18.49 10.11 -6.49
C GLY G 108 18.16 9.33 -5.23
N GLU G 109 16.89 9.12 -4.92
CA GLU G 109 16.49 8.41 -3.70
C GLU G 109 16.23 6.94 -4.01
N GLU G 110 16.67 6.06 -3.12
CA GLU G 110 16.38 4.64 -3.27
C GLU G 110 14.92 4.38 -2.88
N VAL G 111 14.14 3.84 -3.82
CA VAL G 111 12.71 3.66 -3.58
C VAL G 111 12.30 2.19 -3.52
N ALA G 112 13.17 1.27 -3.90
CA ALA G 112 12.93 -0.17 -3.75
C ALA G 112 14.27 -0.87 -3.83
N MET G 113 14.31 -2.09 -3.29
CA MET G 113 15.50 -2.92 -3.40
C MET G 113 15.08 -4.37 -3.23
N ARG G 114 15.84 -5.26 -3.87
CA ARG G 114 15.77 -6.68 -3.57
C ARG G 114 17.19 -7.21 -3.45
N LYS G 115 17.46 -7.95 -2.38
CA LYS G 115 18.77 -8.51 -2.10
C LYS G 115 18.68 -10.02 -2.02
N LEU G 116 19.54 -10.72 -2.78
CA LEU G 116 19.65 -12.17 -2.67
C LEU G 116 20.97 -12.49 -1.99
N VAL G 117 20.91 -13.35 -0.98
CA VAL G 117 22.09 -13.72 -0.20
C VAL G 117 22.12 -15.22 -0.07
N ARG G 118 23.30 -15.80 -0.25
CA ARG G 118 23.50 -17.24 -0.17
C ARG G 118 24.41 -17.54 1.03
N SER G 119 24.02 -18.53 1.83
CA SER G 119 24.78 -18.98 3.01
C SER G 119 26.31 -18.82 2.93
N ASP H 2 27.13 0.90 46.93
CA ASP H 2 27.42 -0.04 45.85
C ASP H 2 28.90 0.07 45.43
N ASN H 3 29.17 1.15 44.68
CA ASN H 3 30.42 1.57 44.05
C ASN H 3 30.40 1.30 42.55
N TYR H 4 29.44 0.48 42.09
CA TYR H 4 29.28 0.25 40.65
C TYR H 4 28.18 1.11 40.05
N ALA H 5 27.06 1.26 40.76
CA ALA H 5 26.03 2.20 40.34
C ALA H 5 26.48 3.65 40.54
N ASP H 6 27.52 3.87 41.35
CA ASP H 6 27.98 5.21 41.66
C ASP H 6 28.95 5.80 40.63
N LEU H 7 29.37 5.02 39.64
CA LEU H 7 30.25 5.52 38.60
C LEU H 7 29.51 6.41 37.60
N SER H 8 30.19 7.46 37.14
CA SER H 8 29.68 8.22 36.00
C SER H 8 29.87 7.40 34.72
N ASP H 9 29.07 7.73 33.69
CA ASP H 9 29.19 7.03 32.41
C ASP H 9 30.60 7.10 31.87
N THR H 10 31.27 8.24 32.05
CA THR H 10 32.65 8.40 31.60
C THR H 10 33.60 7.50 32.39
N GLU H 11 33.42 7.42 33.72
CA GLU H 11 34.25 6.54 34.53
C GLU H 11 33.99 5.08 34.16
N LEU H 12 32.74 4.75 33.85
CA LEU H 12 32.41 3.41 33.37
C LEU H 12 33.20 3.08 32.11
N THR H 13 33.21 4.00 31.14
CA THR H 13 33.93 3.79 29.89
C THR H 13 35.43 3.62 30.12
N THR H 14 36.00 4.45 31.01
CA THR H 14 37.42 4.34 31.34
C THR H 14 37.77 2.96 31.89
N LEU H 15 36.90 2.40 32.72
CA LEU H 15 37.17 1.06 33.27
C LEU H 15 37.02 -0.03 32.20
N LEU H 16 36.00 0.08 31.36
CA LEU H 16 35.88 -0.83 30.22
C LEU H 16 37.12 -0.76 29.33
N ARG H 17 37.67 0.44 29.11
CA ARG H 17 38.82 0.56 28.22
C ARG H 17 40.09 0.06 28.90
N ARG H 18 40.24 0.35 30.20
CA ARG H 18 41.43 -0.04 30.93
C ARG H 18 41.55 -1.56 31.04
N TYR H 19 40.43 -2.25 31.19
CA TYR H 19 40.40 -3.71 31.31
C TYR H 19 40.24 -4.40 29.97
N ASN H 20 40.20 -3.66 28.88
CA ASN H 20 40.07 -4.22 27.54
C ASN H 20 38.83 -5.10 27.41
N ILE H 21 37.72 -4.65 27.99
CA ILE H 21 36.43 -5.30 27.87
C ILE H 21 35.74 -4.78 26.61
N PRO H 22 35.43 -5.63 25.64
CA PRO H 22 34.74 -5.13 24.46
C PRO H 22 33.38 -4.55 24.82
N HIS H 23 33.07 -3.41 24.19
CA HIS H 23 31.92 -2.61 24.60
C HIS H 23 31.56 -1.68 23.46
N GLY H 24 30.29 -1.25 23.47
CA GLY H 24 29.87 -0.10 22.73
C GLY H 24 29.74 1.05 23.71
N PRO H 25 29.07 2.11 23.29
CA PRO H 25 28.93 3.28 24.17
C PRO H 25 28.06 3.01 25.39
N VAL H 26 28.33 3.79 26.44
CA VAL H 26 27.55 3.73 27.68
C VAL H 26 26.35 4.64 27.54
N VAL H 27 25.17 4.04 27.50
CA VAL H 27 23.93 4.79 27.43
C VAL H 27 23.00 4.16 28.45
N GLY H 28 21.88 4.82 28.72
CA GLY H 28 20.92 4.34 29.68
C GLY H 28 20.65 2.84 29.64
N SER H 29 20.44 2.28 28.44
CA SER H 29 20.03 0.87 28.32
C SER H 29 21.19 -0.11 28.34
N THR H 30 22.43 0.34 28.37
CA THR H 30 23.59 -0.53 28.50
C THR H 30 24.33 -0.35 29.82
N ARG H 31 23.91 0.63 30.61
CA ARG H 31 24.56 0.95 31.87
C ARG H 31 24.67 -0.28 32.77
N ARG H 32 23.55 -0.96 33.00
CA ARG H 32 23.53 -2.11 33.91
C ARG H 32 24.38 -3.26 33.39
N LEU H 33 24.36 -3.50 32.08
CA LEU H 33 25.15 -4.60 31.51
C LEU H 33 26.64 -4.37 31.69
N TYR H 34 27.12 -3.14 31.46
CA TYR H 34 28.54 -2.85 31.62
C TYR H 34 28.94 -2.80 33.09
N GLU H 35 28.04 -2.38 33.98
CA GLU H 35 28.36 -2.48 35.41
C GLU H 35 28.63 -3.93 35.80
N LYS H 36 27.90 -4.87 35.20
CA LYS H 36 28.09 -6.28 35.52
C LYS H 36 29.39 -6.81 34.93
N LYS H 37 29.74 -6.38 33.70
CA LYS H 37 30.99 -6.83 33.08
C LYS H 37 32.18 -6.42 33.91
N ILE H 38 32.20 -5.17 34.34
CA ILE H 38 33.28 -4.68 35.18
C ILE H 38 33.32 -5.41 36.50
N PHE H 39 32.14 -5.62 37.11
CA PHE H 39 32.08 -6.37 38.35
C PHE H 39 32.65 -7.77 38.16
N GLU H 40 32.27 -8.45 37.06
CA GLU H 40 32.74 -9.81 36.84
C GLU H 40 34.24 -9.85 36.57
N TYR H 41 34.75 -8.89 35.78
CA TYR H 41 36.19 -8.79 35.53
C TYR H 41 36.96 -8.63 36.83
N GLU H 42 36.54 -7.69 37.68
CA GLU H 42 37.24 -7.48 38.94
C GLU H 42 37.14 -8.68 39.87
N THR H 43 36.18 -9.58 39.63
CA THR H 43 36.11 -10.81 40.41
C THR H 43 37.14 -11.83 39.96
N GLN H 44 37.36 -11.97 38.65
CA GLN H 44 38.46 -12.76 38.10
C GLN H 44 39.71 -11.88 37.91
S SO4 I . -35.92 7.44 -20.68
O1 SO4 I . -36.32 7.96 -19.38
O2 SO4 I . -36.67 6.21 -20.94
O3 SO4 I . -36.20 8.44 -21.71
O4 SO4 I . -34.48 7.18 -20.67
S SO4 J . -7.55 -9.91 -30.31
O1 SO4 J . -8.12 -8.65 -29.83
O2 SO4 J . -7.65 -10.94 -29.27
O3 SO4 J . -6.14 -9.70 -30.64
O4 SO4 J . -8.28 -10.33 -31.50
S SO4 K . -24.01 -14.99 -26.56
O1 SO4 K . -23.89 -16.36 -26.10
O2 SO4 K . -25.38 -14.72 -27.00
O3 SO4 K . -23.09 -14.77 -27.68
O4 SO4 K . -23.67 -14.09 -25.47
S SO4 L . -24.87 20.44 -1.72
O1 SO4 L . -25.71 20.49 -0.53
O2 SO4 L . -25.70 20.00 -2.85
O3 SO4 L . -24.33 21.76 -2.02
O4 SO4 L . -23.74 19.54 -1.48
S SO4 M . -15.54 27.93 -10.35
O1 SO4 M . -15.16 29.02 -9.47
O2 SO4 M . -16.47 27.09 -9.59
O3 SO4 M . -16.19 28.42 -11.55
O4 SO4 M . -14.37 27.14 -10.74
S SO4 N . 24.04 20.25 8.10
O1 SO4 N . 23.56 21.51 8.67
O2 SO4 N . 22.88 19.39 7.83
O3 SO4 N . 24.74 20.52 6.86
O4 SO4 N . 24.96 19.60 9.04
C1 EDO O . 13.87 23.93 19.69
O1 EDO O . 14.99 24.30 18.87
C2 EDO O . 12.77 23.52 18.72
O2 EDO O . 12.89 24.47 17.64
S SO4 P . 25.20 -21.17 21.51
O1 SO4 P . 24.73 -22.56 21.48
O2 SO4 P . 24.19 -20.31 20.92
O3 SO4 P . 26.45 -21.07 20.74
O4 SO4 P . 25.44 -20.79 22.89
S SO4 Q . 36.04 2.70 22.47
O1 SO4 Q . 36.10 2.82 23.93
O2 SO4 Q . 34.66 2.45 22.08
O3 SO4 Q . 36.48 3.97 21.91
O4 SO4 Q . 36.90 1.59 22.01
#